data_8BRH
#
_entry.id   8BRH
#
_cell.length_a   128.480
_cell.length_b   128.480
_cell.length_c   77.540
_cell.angle_alpha   90.000
_cell.angle_beta   90.000
_cell.angle_gamma   120.000
#
_symmetry.space_group_name_H-M   'P 31 2 1'
#
loop_
_entity.id
_entity.type
_entity.pdbx_description
1 polymer KLLA0E16699p
2 polymer 'Myo4 peptide (LYS-PHE-ILE-VAL-SER-HIS-TYR)'
3 water water
#
loop_
_entity_poly.entity_id
_entity_poly.type
_entity_poly.pdbx_seq_one_letter_code
_entity_poly.pdbx_strand_id
1 'polypeptide(L)'
;MNKVWDRIVGSDSADAQSVLKERCSSPKDVTDLLHVIQNWTSEIHNNGEETRCWKCVPMLAGYVKDWGQLEFLCRRILLR
SSIQEIRPLLLVTMKSLMSNHSDNTEQKCGNILQQLLIEAEEDSGNVSLRLLVDAMSLVFPICLGVCRDMFLSTDFQDIL
TRNLNSSADDEHLVNGALRLLAVSCIDEAVRRFIAEHYLKTLQQSFKVEKYKVLTALVLIKIWSFTKIEKETLNSCINLF
IDSLSNGENIEINTEALAYLTLKPSVRVLLRGNGDVCLKIIELIKSQDTTPTDLYGLLIILANVSEHPSQNEDTVDKLKA
SLKTNQEKNDEPTLENVKDIEEFNRDYIIDLDLIGSLKSIKLSTSSYNQAIRIIYNVTRDKTQISECVKQGAGLMLLVFL
AQKRNLSKDEWYLLSIRALSKTLIYVNPETAFSKYSPLSAAPFLFENLPLPNDNALSELQFTQLDTYEALLALTNLATIN
QGVDLGKIILSNAQYWDSIENLLLDSSVRIQRSTLELISNLMSNPMAISAKFFCFENPKSAQNFEILVKLLELHDIQSQR
AVAAIFANIASTVPFICKELSEKRNLIETAIRVFKTQNTDTDLRIRLLVLLSSIFNANAHAVACVKNDEEFVKELQKYRN
TPSQKDPLTPELSKEILSLINLEHHHHHH
;
A
2 'polypeptide(L)' KFIVSHY B
#
# COMPACT_ATOMS: atom_id res chain seq x y z
N MET A 1 -30.86 39.94 -9.21
CA MET A 1 -30.60 41.38 -8.99
C MET A 1 -29.15 41.73 -9.33
N ASN A 2 -28.66 42.84 -8.79
CA ASN A 2 -27.30 43.31 -9.14
C ASN A 2 -26.48 43.43 -7.87
N LYS A 3 -27.16 43.53 -6.74
CA LYS A 3 -26.40 43.75 -5.49
C LYS A 3 -26.00 42.37 -4.98
N VAL A 4 -26.84 41.38 -5.27
CA VAL A 4 -26.46 39.99 -4.92
C VAL A 4 -25.13 39.73 -5.60
N TRP A 5 -25.02 40.16 -6.86
CA TRP A 5 -23.76 39.85 -7.59
C TRP A 5 -22.59 40.53 -6.87
N ASP A 6 -22.74 41.81 -6.52
CA ASP A 6 -21.62 42.53 -5.88
C ASP A 6 -21.21 41.80 -4.60
N ARG A 7 -22.18 41.21 -3.90
CA ARG A 7 -21.87 40.44 -2.66
C ARG A 7 -21.06 39.20 -3.02
N ILE A 8 -21.47 38.49 -4.08
CA ILE A 8 -20.79 37.23 -4.48
C ILE A 8 -19.33 37.52 -4.87
N VAL A 9 -19.08 38.66 -5.51
CA VAL A 9 -17.69 38.94 -6.01
C VAL A 9 -17.01 40.00 -5.13
N GLY A 10 -17.76 40.64 -4.23
CA GLY A 10 -17.19 41.70 -3.42
C GLY A 10 -16.07 41.22 -2.53
N SER A 11 -16.31 40.13 -1.81
CA SER A 11 -15.35 39.67 -0.82
C SER A 11 -15.49 38.17 -0.66
N ASP A 12 -14.42 37.57 -0.11
CA ASP A 12 -14.43 36.15 0.19
C ASP A 12 -15.32 35.81 1.38
N SER A 13 -15.82 36.83 2.11
CA SER A 13 -16.69 36.66 3.27
C SER A 13 -18.10 36.24 2.90
N ALA A 14 -18.29 35.88 1.63
CA ALA A 14 -19.65 35.53 1.16
C ALA A 14 -19.70 34.08 0.68
N ASP A 15 -20.85 33.41 0.86
CA ASP A 15 -21.02 32.03 0.36
C ASP A 15 -22.00 32.08 -0.82
N ALA A 16 -21.52 31.87 -2.04
CA ALA A 16 -22.38 31.98 -3.24
C ALA A 16 -23.55 31.01 -3.13
N GLN A 17 -23.28 29.77 -2.72
CA GLN A 17 -24.36 28.76 -2.58
C GLN A 17 -25.41 29.29 -1.61
N SER A 18 -24.96 29.96 -0.54
CA SER A 18 -25.91 30.56 0.43
C SER A 18 -26.72 31.67 -0.24
N VAL A 19 -26.09 32.47 -1.09
CA VAL A 19 -26.79 33.61 -1.76
C VAL A 19 -27.94 33.05 -2.61
N LEU A 20 -27.86 31.78 -3.00
CA LEU A 20 -28.95 31.15 -3.80
C LEU A 20 -30.30 31.56 -3.20
N LYS A 21 -30.38 31.62 -1.87
CA LYS A 21 -31.64 32.04 -1.19
C LYS A 21 -32.04 33.43 -1.69
N GLU A 22 -31.05 34.32 -1.88
CA GLU A 22 -31.35 35.66 -2.45
C GLU A 22 -31.73 35.47 -3.92
N ARG A 23 -31.22 34.41 -4.56
CA ARG A 23 -31.61 34.11 -5.97
C ARG A 23 -32.84 33.20 -5.94
N CYS A 24 -33.85 33.57 -5.15
CA CYS A 24 -35.05 32.71 -5.01
C CYS A 24 -35.85 32.70 -6.32
N SER A 25 -36.48 33.82 -6.67
CA SER A 25 -37.34 33.84 -7.87
C SER A 25 -36.56 33.30 -9.07
N SER A 26 -37.02 32.17 -9.64
CA SER A 26 -36.31 31.56 -10.79
C SER A 26 -35.97 32.62 -11.84
N PRO A 27 -36.96 33.38 -12.43
CA PRO A 27 -36.66 34.31 -13.49
C PRO A 27 -35.64 35.34 -13.10
N LYS A 28 -36.03 36.29 -12.25
CA LYS A 28 -35.07 37.31 -11.76
C LYS A 28 -33.66 36.72 -11.80
N ASP A 29 -33.47 35.61 -11.10
CA ASP A 29 -32.13 34.96 -11.05
C ASP A 29 -31.79 34.44 -12.45
N VAL A 30 -32.68 33.64 -13.05
CA VAL A 30 -32.41 33.04 -14.40
C VAL A 30 -32.25 34.17 -15.43
N THR A 31 -32.61 35.40 -15.08
CA THR A 31 -32.50 36.47 -16.08
C THR A 31 -31.60 37.55 -15.54
N ASP A 32 -32.16 38.49 -14.80
CA ASP A 32 -31.34 39.65 -14.33
C ASP A 32 -29.95 39.15 -13.95
N LEU A 33 -29.86 38.16 -13.06
CA LEU A 33 -28.51 37.74 -12.60
C LEU A 33 -27.64 37.43 -13.83
N LEU A 34 -28.18 36.65 -14.77
CA LEU A 34 -27.42 36.29 -16.00
C LEU A 34 -27.07 37.56 -16.76
N HIS A 35 -28.02 38.50 -16.88
CA HIS A 35 -27.78 39.78 -17.60
C HIS A 35 -26.69 40.57 -16.87
N VAL A 36 -26.77 40.61 -15.54
CA VAL A 36 -25.73 41.33 -14.73
C VAL A 36 -24.38 40.66 -15.00
N ILE A 37 -24.37 39.33 -15.10
CA ILE A 37 -23.09 38.62 -15.41
C ILE A 37 -22.64 39.01 -16.83
N GLN A 38 -23.55 39.04 -17.81
CA GLN A 38 -23.15 39.40 -19.17
C GLN A 38 -22.51 40.79 -19.19
N ASN A 39 -23.12 41.75 -18.50
CA ASN A 39 -22.55 43.10 -18.48
C ASN A 39 -21.28 43.18 -17.65
N TRP A 40 -21.25 42.47 -16.52
CA TRP A 40 -20.07 42.47 -15.66
C TRP A 40 -18.87 41.83 -16.36
N THR A 41 -19.05 40.63 -16.91
CA THR A 41 -17.94 39.91 -17.52
C THR A 41 -17.43 40.56 -18.79
N SER A 42 -18.10 41.58 -19.31
CA SER A 42 -17.62 42.27 -20.50
C SER A 42 -16.29 43.00 -20.26
N GLU A 43 -15.87 43.13 -19.01
CA GLU A 43 -14.54 43.62 -18.67
C GLU A 43 -13.82 42.57 -17.84
N ILE A 44 -12.50 42.71 -17.76
CA ILE A 44 -11.66 41.85 -16.95
C ILE A 44 -11.47 42.50 -15.59
N HIS A 45 -11.87 41.80 -14.53
CA HIS A 45 -11.75 42.30 -13.16
C HIS A 45 -10.54 41.67 -12.48
N ASN A 46 -10.26 42.13 -11.25
CA ASN A 46 -9.12 41.59 -10.49
C ASN A 46 -9.33 40.11 -10.24
N ASN A 47 -8.21 39.39 -10.01
CA ASN A 47 -8.28 37.94 -9.90
C ASN A 47 -9.11 37.50 -8.71
N GLY A 48 -9.22 38.34 -7.68
CA GLY A 48 -10.09 38.01 -6.55
C GLY A 48 -11.55 37.95 -6.97
N GLU A 49 -12.03 39.01 -7.63
CA GLU A 49 -13.41 39.04 -8.08
C GLU A 49 -13.64 38.02 -9.19
N GLU A 50 -12.68 37.85 -10.09
CA GLU A 50 -12.84 36.88 -11.16
C GLU A 50 -12.94 35.47 -10.60
N THR A 51 -12.15 35.16 -9.57
CA THR A 51 -12.20 33.84 -8.95
C THR A 51 -13.59 33.54 -8.39
N ARG A 52 -14.18 34.51 -7.67
CA ARG A 52 -15.50 34.28 -7.10
C ARG A 52 -16.56 34.16 -8.18
N CYS A 53 -16.45 34.96 -9.25
CA CYS A 53 -17.41 34.88 -10.35
C CYS A 53 -17.45 33.48 -10.94
N TRP A 54 -16.27 32.97 -11.30
CA TRP A 54 -16.25 31.66 -12.00
C TRP A 54 -16.36 30.51 -11.00
N LYS A 55 -16.53 30.83 -9.72
CA LYS A 55 -16.76 29.76 -8.72
C LYS A 55 -18.28 29.66 -8.54
N CYS A 56 -18.99 30.74 -8.81
CA CYS A 56 -20.47 30.73 -8.63
C CYS A 56 -21.16 30.48 -9.97
N VAL A 57 -20.58 30.99 -11.05
CA VAL A 57 -21.28 30.88 -12.37
C VAL A 57 -21.65 29.41 -12.64
N PRO A 58 -20.72 28.44 -12.48
CA PRO A 58 -21.02 27.04 -12.80
C PRO A 58 -22.35 26.59 -12.19
N MET A 59 -22.61 27.00 -10.94
CA MET A 59 -23.85 26.58 -10.23
C MET A 59 -25.07 27.03 -11.04
N LEU A 60 -25.21 28.34 -11.26
CA LEU A 60 -26.38 28.88 -12.01
C LEU A 60 -26.36 28.32 -13.43
N ALA A 61 -25.18 28.20 -14.03
CA ALA A 61 -25.08 27.72 -15.43
C ALA A 61 -25.69 26.32 -15.52
N GLY A 62 -25.36 25.44 -14.58
CA GLY A 62 -25.86 24.05 -14.61
C GLY A 62 -27.37 24.01 -14.56
N TYR A 63 -27.99 24.90 -13.77
CA TYR A 63 -29.46 24.86 -13.60
C TYR A 63 -30.18 25.35 -14.86
N VAL A 64 -29.74 26.45 -15.45
CA VAL A 64 -30.46 27.04 -16.63
C VAL A 64 -30.54 26.02 -17.76
N LYS A 65 -31.66 26.01 -18.48
CA LYS A 65 -31.84 25.05 -19.61
C LYS A 65 -31.96 25.83 -20.93
N ASP A 66 -32.31 27.11 -20.86
CA ASP A 66 -32.38 27.93 -22.07
C ASP A 66 -30.96 28.30 -22.48
N TRP A 67 -30.57 27.91 -23.70
CA TRP A 67 -29.22 28.18 -24.18
C TRP A 67 -29.00 29.67 -24.41
N GLY A 68 -30.00 30.34 -24.99
CA GLY A 68 -29.87 31.77 -25.29
C GLY A 68 -29.58 32.58 -24.04
N GLN A 69 -29.60 31.94 -22.87
CA GLN A 69 -29.39 32.68 -21.59
C GLN A 69 -27.96 32.45 -21.09
N LEU A 70 -27.25 31.47 -21.67
CA LEU A 70 -25.88 31.13 -21.21
C LEU A 70 -24.92 31.18 -22.40
N GLU A 71 -25.39 31.62 -23.56
CA GLU A 71 -24.56 31.61 -24.77
C GLU A 71 -23.39 32.59 -24.64
N PHE A 72 -23.59 33.72 -23.96
CA PHE A 72 -22.54 34.71 -23.82
C PHE A 72 -21.34 34.18 -23.06
N LEU A 73 -21.54 33.18 -22.19
CA LEU A 73 -20.45 32.72 -21.33
C LEU A 73 -19.29 32.13 -22.11
N CYS A 74 -19.54 31.58 -23.30
CA CYS A 74 -18.46 30.97 -24.06
C CYS A 74 -17.39 31.99 -24.43
N ARG A 75 -17.79 33.15 -24.94
CA ARG A 75 -16.81 34.19 -25.24
C ARG A 75 -16.15 34.72 -23.97
N ARG A 76 -16.92 34.88 -22.89
CA ARG A 76 -16.34 35.39 -21.64
C ARG A 76 -15.24 34.46 -21.14
N ILE A 77 -15.50 33.14 -21.16
CA ILE A 77 -14.53 32.17 -20.68
C ILE A 77 -13.31 32.12 -21.60
N LEU A 78 -13.53 31.96 -22.90
CA LEU A 78 -12.40 31.78 -23.81
C LEU A 78 -11.54 33.02 -23.90
N LEU A 79 -12.10 34.20 -23.65
CA LEU A 79 -11.31 35.42 -23.68
C LEU A 79 -10.45 35.61 -22.43
N ARG A 80 -10.63 34.78 -21.40
CA ARG A 80 -9.83 34.83 -20.19
C ARG A 80 -8.84 33.67 -20.10
N SER A 81 -8.62 32.94 -21.21
CA SER A 81 -7.82 31.73 -21.15
C SER A 81 -6.34 31.99 -20.84
N SER A 82 -5.86 33.23 -21.04
CA SER A 82 -4.49 33.58 -20.72
C SER A 82 -4.31 34.06 -19.29
N ILE A 83 -5.39 34.12 -18.51
CA ILE A 83 -5.31 34.40 -17.09
C ILE A 83 -5.06 33.07 -16.38
N GLN A 84 -3.81 32.81 -16.03
CA GLN A 84 -3.44 31.49 -15.51
C GLN A 84 -4.08 31.18 -14.16
N GLU A 85 -4.41 32.21 -13.37
CA GLU A 85 -4.89 31.99 -12.01
C GLU A 85 -6.28 31.37 -11.98
N ILE A 86 -7.10 31.63 -13.00
CA ILE A 86 -8.49 31.18 -13.02
C ILE A 86 -8.74 30.10 -14.06
N ARG A 87 -7.69 29.59 -14.71
CA ARG A 87 -7.89 28.57 -15.74
C ARG A 87 -8.65 27.35 -15.25
N PRO A 88 -8.32 26.74 -14.09
CA PRO A 88 -9.15 25.62 -13.62
C PRO A 88 -10.59 26.00 -13.31
N LEU A 89 -10.83 27.23 -12.85
CA LEU A 89 -12.21 27.68 -12.62
C LEU A 89 -12.94 27.88 -13.93
N LEU A 90 -12.24 28.33 -14.97
CA LEU A 90 -12.87 28.48 -16.27
C LEU A 90 -13.23 27.13 -16.87
N LEU A 91 -12.35 26.14 -16.71
CA LEU A 91 -12.64 24.79 -17.20
C LEU A 91 -13.87 24.20 -16.53
N VAL A 92 -13.98 24.35 -15.20
CA VAL A 92 -15.16 23.85 -14.51
C VAL A 92 -16.41 24.54 -15.02
N THR A 93 -16.33 25.86 -15.23
CA THR A 93 -17.47 26.60 -15.75
C THR A 93 -17.87 26.10 -17.13
N MET A 94 -16.89 25.79 -17.99
CA MET A 94 -17.23 25.26 -19.30
C MET A 94 -17.76 23.83 -19.20
N LYS A 95 -17.21 23.06 -18.25
CA LYS A 95 -17.70 21.67 -18.05
C LYS A 95 -19.15 21.75 -17.56
N SER A 96 -19.48 22.77 -16.78
CA SER A 96 -20.87 22.97 -16.30
C SER A 96 -21.79 23.12 -17.51
N LEU A 97 -21.29 23.75 -18.59
CA LEU A 97 -22.12 23.99 -19.80
C LEU A 97 -22.07 22.75 -20.71
N MET A 98 -21.48 21.64 -20.23
CA MET A 98 -21.44 20.42 -21.03
C MET A 98 -22.63 19.51 -20.75
N SER A 99 -23.02 19.41 -19.47
CA SER A 99 -24.18 18.57 -19.09
C SER A 99 -25.37 18.90 -20.00
N ASN A 100 -25.61 20.19 -20.25
CA ASN A 100 -26.70 20.62 -21.14
C ASN A 100 -26.12 21.58 -22.17
N HIS A 101 -26.69 21.63 -23.38
CA HIS A 101 -26.21 22.55 -24.43
C HIS A 101 -24.88 22.04 -25.00
N SER A 102 -24.49 20.82 -24.65
CA SER A 102 -23.22 20.24 -25.16
C SER A 102 -23.06 20.58 -26.64
N ASP A 103 -24.06 20.28 -27.48
CA ASP A 103 -23.86 20.53 -28.89
C ASP A 103 -23.72 22.02 -29.17
N ASN A 104 -24.54 22.85 -28.54
CA ASN A 104 -24.53 24.27 -28.85
C ASN A 104 -23.30 24.95 -28.25
N THR A 105 -22.73 24.40 -27.18
CA THR A 105 -21.58 25.02 -26.56
C THR A 105 -20.29 24.72 -27.32
N GLU A 106 -20.19 23.55 -27.95
CA GLU A 106 -19.03 23.28 -28.79
C GLU A 106 -19.05 24.11 -30.06
N GLN A 107 -20.24 24.27 -30.66
CA GLN A 107 -20.34 25.06 -31.89
C GLN A 107 -20.06 26.55 -31.62
N LYS A 108 -20.51 27.06 -30.47
CA LYS A 108 -20.18 28.44 -30.11
C LYS A 108 -18.69 28.61 -29.91
N CYS A 109 -18.03 27.60 -29.33
CA CYS A 109 -16.59 27.67 -29.11
C CYS A 109 -15.83 27.74 -30.44
N GLY A 110 -16.14 26.82 -31.37
CA GLY A 110 -15.48 26.84 -32.66
C GLY A 110 -15.62 28.18 -33.37
N ASN A 111 -16.80 28.79 -33.32
CA ASN A 111 -16.98 30.09 -33.93
C ASN A 111 -16.10 31.15 -33.27
N ILE A 112 -15.82 30.99 -31.99
CA ILE A 112 -14.94 31.93 -31.32
C ILE A 112 -13.49 31.63 -31.66
N LEU A 113 -13.09 30.35 -31.61
CA LEU A 113 -11.73 30.01 -32.00
C LEU A 113 -11.43 30.48 -33.42
N GLN A 114 -12.38 30.27 -34.35
CA GLN A 114 -12.20 30.74 -35.73
C GLN A 114 -12.05 32.26 -35.79
N GLN A 115 -12.83 32.99 -34.98
CA GLN A 115 -12.66 34.43 -34.89
C GLN A 115 -11.33 34.81 -34.25
N LEU A 116 -10.92 34.07 -33.21
CA LEU A 116 -9.63 34.34 -32.58
C LEU A 116 -8.48 34.15 -33.56
N LEU A 117 -8.54 33.10 -34.39
CA LEU A 117 -7.50 32.85 -35.38
C LEU A 117 -7.36 34.02 -36.34
N ILE A 118 -8.47 34.58 -36.81
CA ILE A 118 -8.37 35.69 -37.74
C ILE A 118 -7.75 36.90 -37.04
N GLU A 119 -8.05 37.11 -35.77
CA GLU A 119 -7.44 38.22 -35.04
C GLU A 119 -5.93 38.00 -34.87
N ALA A 120 -5.51 36.76 -34.59
CA ALA A 120 -4.08 36.50 -34.48
C ALA A 120 -3.37 36.77 -35.81
N GLU A 121 -3.98 36.36 -36.92
CA GLU A 121 -3.35 36.58 -38.23
C GLU A 121 -3.13 38.06 -38.50
N GLU A 122 -4.06 38.91 -38.07
CA GLU A 122 -3.99 40.36 -38.32
C GLU A 122 -3.26 41.12 -37.23
N ASP A 123 -2.78 40.44 -36.18
CA ASP A 123 -2.07 41.09 -35.09
C ASP A 123 -0.56 41.08 -35.38
N SER A 124 0.05 42.26 -35.38
CA SER A 124 1.51 42.34 -35.52
C SER A 124 2.21 41.84 -34.27
N GLY A 125 1.55 41.90 -33.10
CA GLY A 125 2.10 41.31 -31.90
C GLY A 125 1.70 39.85 -31.74
N ASN A 126 2.14 39.28 -30.62
CA ASN A 126 2.02 37.86 -30.29
C ASN A 126 0.88 37.54 -29.32
N VAL A 127 0.19 38.55 -28.78
CA VAL A 127 -0.71 38.27 -27.67
C VAL A 127 -1.98 37.57 -28.14
N SER A 128 -2.52 37.97 -29.29
CA SER A 128 -3.68 37.30 -29.86
C SER A 128 -3.41 35.83 -30.12
N LEU A 129 -2.22 35.52 -30.65
CA LEU A 129 -1.88 34.11 -30.89
C LEU A 129 -1.76 33.34 -29.58
N ARG A 130 -1.12 33.93 -28.57
CA ARG A 130 -1.06 33.26 -27.28
C ARG A 130 -2.46 32.99 -26.74
N LEU A 131 -3.37 33.96 -26.90
CA LEU A 131 -4.73 33.78 -26.42
C LEU A 131 -5.43 32.61 -27.13
N LEU A 132 -5.19 32.48 -28.44
CA LEU A 132 -5.81 31.39 -29.19
C LEU A 132 -5.29 30.03 -28.72
N VAL A 133 -3.97 29.89 -28.59
CA VAL A 133 -3.45 28.59 -28.14
C VAL A 133 -3.88 28.32 -26.70
N ASP A 134 -4.03 29.38 -25.89
CA ASP A 134 -4.44 29.19 -24.50
C ASP A 134 -5.92 28.80 -24.41
N ALA A 135 -6.75 29.35 -25.29
CA ALA A 135 -8.14 28.92 -25.39
C ALA A 135 -8.24 27.47 -25.81
N MET A 136 -7.40 27.08 -26.78
CA MET A 136 -7.41 25.71 -27.28
C MET A 136 -6.93 24.74 -26.22
N SER A 137 -5.85 25.08 -25.50
CA SER A 137 -5.36 24.12 -24.52
C SER A 137 -6.27 24.02 -23.32
N LEU A 138 -7.05 25.07 -23.03
CA LEU A 138 -7.96 25.03 -21.90
C LEU A 138 -9.13 24.11 -22.19
N VAL A 139 -9.78 24.30 -23.33
CA VAL A 139 -11.02 23.64 -23.68
C VAL A 139 -10.80 22.41 -24.56
N PHE A 140 -9.56 22.03 -24.82
CA PHE A 140 -9.34 20.88 -25.71
C PHE A 140 -10.01 19.62 -25.18
N PRO A 141 -9.79 19.17 -23.94
CA PRO A 141 -10.32 17.86 -23.53
C PRO A 141 -11.84 17.79 -23.45
N ILE A 142 -12.56 18.90 -23.62
CA ILE A 142 -14.02 18.86 -23.58
C ILE A 142 -14.65 19.31 -24.90
N CYS A 143 -13.86 19.94 -25.78
CA CYS A 143 -14.36 20.35 -27.11
C CYS A 143 -13.40 19.82 -28.18
N LEU A 144 -13.18 18.50 -28.20
CA LEU A 144 -12.19 17.89 -29.12
C LEU A 144 -12.54 18.16 -30.59
N GLY A 145 -13.82 18.09 -30.96
CA GLY A 145 -14.17 18.21 -32.37
C GLY A 145 -13.69 19.51 -32.98
N VAL A 146 -14.13 20.64 -32.44
CA VAL A 146 -13.73 21.93 -33.01
C VAL A 146 -12.26 22.22 -32.73
N CYS A 147 -11.72 21.68 -31.64
CA CYS A 147 -10.32 21.93 -31.32
C CYS A 147 -9.39 21.12 -32.22
N ARG A 148 -9.73 19.87 -32.48
CA ARG A 148 -8.96 19.10 -33.43
C ARG A 148 -9.01 19.73 -34.81
N ASP A 149 -10.20 20.19 -35.23
CA ASP A 149 -10.33 20.80 -36.55
C ASP A 149 -9.49 22.06 -36.67
N MET A 150 -9.44 22.86 -35.61
CA MET A 150 -8.62 24.08 -35.63
C MET A 150 -7.13 23.72 -35.66
N PHE A 151 -6.69 22.86 -34.73
CA PHE A 151 -5.28 22.49 -34.65
C PHE A 151 -4.78 21.93 -35.97
N LEU A 152 -5.59 21.13 -36.66
CA LEU A 152 -5.16 20.47 -37.90
C LEU A 152 -5.35 21.35 -39.13
N SER A 153 -5.96 22.52 -39.01
CA SER A 153 -6.13 23.37 -40.17
C SER A 153 -4.77 23.96 -40.57
N THR A 154 -4.58 24.14 -41.88
CA THR A 154 -3.29 24.68 -42.30
C THR A 154 -3.14 26.13 -41.87
N ASP A 155 -4.24 26.88 -41.82
CA ASP A 155 -4.15 28.27 -41.39
C ASP A 155 -3.67 28.38 -39.95
N PHE A 156 -4.07 27.43 -39.10
CA PHE A 156 -3.60 27.48 -37.72
C PHE A 156 -2.16 27.00 -37.61
N GLN A 157 -1.84 25.86 -38.23
CA GLN A 157 -0.47 25.37 -38.22
C GLN A 157 0.49 26.45 -38.75
N ASP A 158 0.10 27.13 -39.83
CA ASP A 158 0.97 28.11 -40.47
C ASP A 158 1.36 29.25 -39.53
N ILE A 159 0.38 29.83 -38.82
CA ILE A 159 0.69 30.94 -37.94
C ILE A 159 1.44 30.45 -36.71
N LEU A 160 1.15 29.23 -36.26
CA LEU A 160 1.83 28.70 -35.08
C LEU A 160 3.30 28.42 -35.39
N THR A 161 3.56 27.61 -36.42
CA THR A 161 4.94 27.22 -36.71
C THR A 161 5.80 28.43 -37.06
N ARG A 162 5.21 29.41 -37.77
CA ARG A 162 5.98 30.59 -38.16
C ARG A 162 6.37 31.41 -36.94
N ASN A 163 5.48 31.55 -35.95
CA ASN A 163 5.81 32.33 -34.78
C ASN A 163 6.74 31.58 -33.85
N LEU A 164 6.75 30.26 -33.90
CA LEU A 164 7.76 29.49 -33.19
C LEU A 164 9.13 29.60 -33.85
N ASN A 165 9.18 29.93 -35.15
CA ASN A 165 10.44 30.12 -35.86
C ASN A 165 10.98 31.54 -35.68
N SER A 166 10.11 32.55 -35.71
CA SER A 166 10.52 33.94 -35.60
C SER A 166 10.66 34.41 -34.16
N SER A 167 9.84 33.91 -33.25
CA SER A 167 9.86 34.37 -31.87
C SER A 167 10.20 33.22 -30.93
N ALA A 168 11.33 32.56 -31.16
CA ALA A 168 11.78 31.52 -30.24
C ALA A 168 12.17 32.10 -28.89
N ASP A 169 12.57 33.38 -28.84
CA ASP A 169 12.98 34.07 -27.62
C ASP A 169 11.79 34.48 -26.75
N ASP A 170 10.56 34.22 -27.18
CA ASP A 170 9.35 34.52 -26.40
C ASP A 170 8.94 33.26 -25.64
N GLU A 171 9.33 33.20 -24.36
CA GLU A 171 9.08 32.02 -23.54
C GLU A 171 7.59 31.82 -23.27
N HIS A 172 6.83 32.91 -23.15
CA HIS A 172 5.40 32.74 -22.89
C HIS A 172 4.68 32.17 -24.10
N LEU A 173 5.09 32.56 -25.31
CA LEU A 173 4.52 31.97 -26.51
C LEU A 173 4.92 30.51 -26.66
N VAL A 174 6.22 30.23 -26.51
CA VAL A 174 6.71 28.86 -26.69
C VAL A 174 6.13 27.93 -25.63
N ASN A 175 6.20 28.34 -24.35
CA ASN A 175 5.69 27.47 -23.28
C ASN A 175 4.18 27.34 -23.35
N GLY A 176 3.47 28.39 -23.77
CA GLY A 176 2.03 28.23 -24.00
C GLY A 176 1.74 27.21 -25.09
N ALA A 177 2.54 27.24 -26.17
CA ALA A 177 2.35 26.32 -27.28
C ALA A 177 2.77 24.90 -26.92
N LEU A 178 3.84 24.76 -26.13
CA LEU A 178 4.24 23.43 -25.67
C LEU A 178 3.15 22.81 -24.80
N ARG A 179 2.49 23.60 -23.95
CA ARG A 179 1.35 23.10 -23.20
C ARG A 179 0.21 22.70 -24.14
N LEU A 180 -0.04 23.48 -25.19
CA LEU A 180 -1.09 23.09 -26.13
C LEU A 180 -0.78 21.75 -26.77
N LEU A 181 0.47 21.57 -27.24
CA LEU A 181 0.86 20.30 -27.84
C LEU A 181 0.60 19.14 -26.88
N ALA A 182 0.99 19.30 -25.62
CA ALA A 182 0.86 18.21 -24.66
C ALA A 182 -0.61 17.93 -24.33
N VAL A 183 -1.40 18.98 -24.10
CA VAL A 183 -2.82 18.79 -23.80
C VAL A 183 -3.52 18.12 -24.97
N SER A 184 -3.16 18.53 -26.19
CA SER A 184 -3.86 18.06 -27.39
C SER A 184 -3.55 16.62 -27.71
N CYS A 185 -2.52 16.04 -27.10
CA CYS A 185 -2.17 14.64 -27.27
C CYS A 185 -3.24 13.69 -26.75
N ILE A 186 -4.26 14.21 -26.06
CA ILE A 186 -5.39 13.38 -25.65
C ILE A 186 -6.12 12.81 -26.86
N ASP A 187 -6.03 13.47 -28.00
CA ASP A 187 -6.63 12.98 -29.24
C ASP A 187 -5.58 12.26 -30.08
N GLU A 188 -5.96 11.08 -30.59
CA GLU A 188 -5.03 10.27 -31.36
C GLU A 188 -4.65 10.94 -32.69
N ALA A 189 -5.63 11.51 -33.38
CA ALA A 189 -5.33 12.15 -34.66
C ALA A 189 -4.34 13.28 -34.47
N VAL A 190 -4.48 14.04 -33.39
CA VAL A 190 -3.55 15.18 -33.12
C VAL A 190 -2.16 14.62 -32.81
N ARG A 191 -2.09 13.57 -31.99
CA ARG A 191 -0.79 12.99 -31.58
C ARG A 191 0.00 12.58 -32.83
N ARG A 192 -0.67 11.98 -33.81
CA ARG A 192 0.02 11.49 -35.04
C ARG A 192 0.64 12.69 -35.76
N PHE A 193 -0.10 13.79 -35.91
CA PHE A 193 0.41 14.99 -36.61
C PHE A 193 1.64 15.52 -35.87
N ILE A 194 1.55 15.65 -34.55
CA ILE A 194 2.68 16.21 -33.75
C ILE A 194 3.89 15.28 -33.91
N ALA A 195 3.65 13.96 -33.87
CA ALA A 195 4.76 12.98 -33.96
C ALA A 195 5.27 12.92 -35.40
N GLU A 196 4.66 13.67 -36.31
CA GLU A 196 5.05 13.61 -37.74
C GLU A 196 5.47 14.99 -38.25
N HIS A 197 5.25 16.05 -37.45
CA HIS A 197 5.53 17.43 -37.97
C HIS A 197 6.16 18.31 -36.90
N TYR A 198 6.40 17.80 -35.69
CA TYR A 198 6.91 18.69 -34.61
C TYR A 198 8.21 18.14 -34.01
N LEU A 199 8.68 16.98 -34.49
CA LEU A 199 9.90 16.35 -33.91
C LEU A 199 11.08 17.33 -34.03
N LYS A 200 11.20 17.99 -35.18
CA LYS A 200 12.32 18.96 -35.39
C LYS A 200 12.17 20.12 -34.40
N THR A 201 11.01 20.80 -34.41
CA THR A 201 10.80 21.88 -33.46
C THR A 201 11.12 21.44 -32.04
N LEU A 202 10.67 20.24 -31.65
CA LEU A 202 10.92 19.78 -30.28
C LEU A 202 12.39 19.51 -30.03
N GLN A 203 13.13 19.09 -31.06
CA GLN A 203 14.57 18.89 -30.89
C GLN A 203 15.27 20.22 -30.63
N GLN A 204 14.88 21.28 -31.33
CA GLN A 204 15.45 22.59 -31.07
C GLN A 204 15.04 23.12 -29.71
N SER A 205 13.74 23.03 -29.36
CA SER A 205 13.30 23.59 -28.08
C SER A 205 13.84 22.81 -26.90
N PHE A 206 14.26 21.55 -27.10
CA PHE A 206 14.91 20.80 -26.05
C PHE A 206 16.28 21.36 -25.68
N LYS A 207 16.89 22.15 -26.56
CA LYS A 207 18.20 22.74 -26.28
C LYS A 207 18.12 23.94 -25.34
N VAL A 208 16.95 24.57 -25.23
CA VAL A 208 16.77 25.75 -24.39
C VAL A 208 16.29 25.30 -23.01
N GLU A 209 16.98 25.73 -21.96
CA GLU A 209 16.70 25.23 -20.63
C GLU A 209 15.26 25.48 -20.22
N LYS A 210 14.71 26.66 -20.50
CA LYS A 210 13.39 26.98 -20.00
C LYS A 210 12.27 26.35 -20.82
N TYR A 211 12.60 25.59 -21.87
CA TYR A 211 11.63 24.86 -22.66
C TYR A 211 11.75 23.35 -22.50
N LYS A 212 12.77 22.89 -21.75
CA LYS A 212 13.10 21.47 -21.70
C LYS A 212 11.97 20.64 -21.11
N VAL A 213 11.44 21.06 -19.96
CA VAL A 213 10.49 20.23 -19.23
C VAL A 213 9.23 20.00 -20.06
N LEU A 214 8.66 21.08 -20.62
CA LEU A 214 7.44 20.92 -21.42
C LEU A 214 7.72 20.20 -22.73
N THR A 215 8.90 20.36 -23.31
CA THR A 215 9.27 19.62 -24.52
C THR A 215 9.33 18.12 -24.24
N ALA A 216 9.99 17.74 -23.14
CA ALA A 216 10.08 16.33 -22.77
C ALA A 216 8.69 15.74 -22.47
N LEU A 217 7.81 16.54 -21.88
CA LEU A 217 6.44 16.10 -21.66
C LEU A 217 5.74 15.77 -22.98
N VAL A 218 5.82 16.69 -23.95
CA VAL A 218 5.24 16.43 -25.27
C VAL A 218 5.90 15.20 -25.89
N LEU A 219 7.21 15.08 -25.78
CA LEU A 219 7.93 13.96 -26.37
C LEU A 219 7.51 12.64 -25.74
N ILE A 220 7.14 12.64 -24.46
CA ILE A 220 6.69 11.41 -23.83
C ILE A 220 5.35 10.97 -24.42
N LYS A 221 4.44 11.92 -24.59
CA LYS A 221 3.07 11.58 -25.07
C LYS A 221 3.09 11.26 -26.57
N ILE A 222 4.11 11.73 -27.30
CA ILE A 222 4.13 11.52 -28.78
C ILE A 222 4.93 10.26 -29.12
N TRP A 223 5.50 9.59 -28.10
CA TRP A 223 6.23 8.33 -28.34
C TRP A 223 5.25 7.26 -28.84
N SER A 224 5.39 6.81 -30.09
CA SER A 224 4.46 5.86 -30.68
C SER A 224 4.42 4.54 -29.90
N LYS A 230 16.79 4.07 -27.94
CA LYS A 230 15.92 4.49 -26.85
C LYS A 230 16.37 5.82 -26.27
N GLU A 231 17.44 6.39 -26.85
CA GLU A 231 17.98 7.63 -26.33
C GLU A 231 17.02 8.79 -26.46
N THR A 232 16.04 8.68 -27.36
CA THR A 232 14.95 9.65 -27.38
C THR A 232 14.20 9.64 -26.05
N LEU A 233 13.84 8.46 -25.56
CA LEU A 233 13.20 8.38 -24.24
C LEU A 233 14.20 8.69 -23.13
N ASN A 234 15.43 8.18 -23.25
CA ASN A 234 16.38 8.31 -22.15
C ASN A 234 16.79 9.76 -21.94
N SER A 235 16.93 10.53 -23.02
CA SER A 235 17.22 11.95 -22.84
C SER A 235 16.03 12.68 -22.21
N CYS A 236 14.80 12.28 -22.55
CA CYS A 236 13.62 12.89 -21.92
C CYS A 236 13.57 12.57 -20.43
N ILE A 237 13.66 11.29 -20.07
CA ILE A 237 13.65 10.93 -18.66
C ILE A 237 14.80 11.63 -17.93
N ASN A 238 16.03 11.52 -18.45
CA ASN A 238 17.18 12.18 -17.84
C ASN A 238 16.91 13.65 -17.57
N LEU A 239 16.07 14.29 -18.38
CA LEU A 239 15.67 15.65 -18.10
C LEU A 239 14.71 15.72 -16.91
N PHE A 240 13.74 14.80 -16.85
CA PHE A 240 12.85 14.74 -15.70
C PHE A 240 13.63 14.52 -14.41
N ILE A 241 14.52 13.53 -14.39
CA ILE A 241 15.33 13.30 -13.18
C ILE A 241 16.18 14.52 -12.85
N ASP A 242 16.89 15.06 -13.83
CA ASP A 242 17.76 16.20 -13.57
C ASP A 242 16.98 17.41 -13.07
N SER A 243 15.90 17.75 -13.77
CA SER A 243 15.07 18.89 -13.35
C SER A 243 14.49 18.69 -11.95
N LEU A 244 14.10 17.46 -11.62
CA LEU A 244 13.51 17.21 -10.30
C LEU A 244 14.56 17.32 -9.20
N SER A 245 15.78 16.83 -9.45
CA SER A 245 16.83 16.95 -8.45
C SER A 245 17.17 18.41 -8.18
N ASN A 246 16.96 19.29 -9.16
CA ASN A 246 17.18 20.72 -8.92
C ASN A 246 16.08 21.30 -8.03
N GLY A 247 14.88 20.76 -8.09
CA GLY A 247 13.76 21.25 -7.30
C GLY A 247 12.73 22.05 -8.06
N GLU A 248 12.84 22.15 -9.37
CA GLU A 248 11.94 22.98 -10.16
C GLU A 248 10.97 22.12 -10.96
N ASN A 249 9.86 22.76 -11.35
CA ASN A 249 8.78 22.13 -12.08
C ASN A 249 8.38 20.81 -11.42
N ILE A 250 8.09 20.90 -10.12
CA ILE A 250 7.93 19.71 -9.30
C ILE A 250 6.68 18.94 -9.73
N GLU A 251 5.59 19.65 -9.99
CA GLU A 251 4.33 18.98 -10.30
C GLU A 251 4.43 18.19 -11.60
N ILE A 252 5.08 18.76 -12.63
CA ILE A 252 5.14 18.10 -13.93
C ILE A 252 6.09 16.90 -13.89
N ASN A 253 7.29 17.11 -13.34
CA ASN A 253 8.27 16.00 -13.27
C ASN A 253 7.78 14.88 -12.37
N THR A 254 7.11 15.22 -11.27
CA THR A 254 6.60 14.20 -10.37
C THR A 254 5.53 13.34 -11.04
N GLU A 255 4.57 13.98 -11.71
CA GLU A 255 3.54 13.22 -12.41
C GLU A 255 4.14 12.40 -13.55
N ALA A 256 5.16 12.94 -14.21
CA ALA A 256 5.78 12.24 -15.33
C ALA A 256 6.62 11.07 -14.84
N LEU A 257 7.42 11.29 -13.80
CA LEU A 257 8.27 10.23 -13.27
C LEU A 257 7.49 9.14 -12.54
N ALA A 258 6.31 9.46 -11.99
CA ALA A 258 5.47 8.43 -11.39
C ALA A 258 4.98 7.44 -12.44
N TYR A 259 4.51 7.93 -13.58
CA TYR A 259 4.13 7.01 -14.66
C TYR A 259 5.35 6.34 -15.27
N LEU A 260 6.48 7.05 -15.33
CA LEU A 260 7.65 6.51 -16.00
C LEU A 260 8.32 5.41 -15.17
N THR A 261 8.25 5.51 -13.84
CA THR A 261 8.87 4.50 -12.98
C THR A 261 8.11 3.19 -12.96
N LEU A 262 7.04 3.05 -13.75
CA LEU A 262 6.44 1.74 -13.99
C LEU A 262 7.30 0.84 -14.86
N LYS A 263 8.32 1.41 -15.58
CA LYS A 263 9.24 0.66 -16.43
C LYS A 263 10.55 0.41 -15.69
N PRO A 264 11.08 -0.83 -15.71
CA PRO A 264 12.33 -1.09 -14.97
C PRO A 264 13.49 -0.22 -15.40
N SER A 265 13.65 0.05 -16.70
CA SER A 265 14.79 0.82 -17.16
C SER A 265 14.79 2.22 -16.56
N VAL A 266 13.61 2.81 -16.38
CA VAL A 266 13.53 4.12 -15.73
C VAL A 266 13.93 4.00 -14.26
N ARG A 267 13.45 2.96 -13.59
CA ARG A 267 13.81 2.76 -12.18
C ARG A 267 15.32 2.65 -12.00
N VAL A 268 15.97 1.83 -12.81
CA VAL A 268 17.42 1.69 -12.74
C VAL A 268 18.10 3.05 -12.94
N LEU A 269 17.67 3.80 -13.95
CA LEU A 269 18.24 5.12 -14.16
C LEU A 269 18.03 6.02 -12.94
N LEU A 270 16.80 6.04 -12.42
CA LEU A 270 16.52 6.85 -11.23
C LEU A 270 17.33 6.38 -10.03
N ARG A 271 17.38 5.07 -9.79
CA ARG A 271 18.13 4.55 -8.65
C ARG A 271 19.62 4.91 -8.74
N GLY A 272 20.15 5.02 -9.96
CA GLY A 272 21.55 5.35 -10.14
C GLY A 272 21.88 6.82 -9.99
N ASN A 273 20.88 7.68 -10.07
CA ASN A 273 21.06 9.13 -9.87
C ASN A 273 20.91 9.41 -8.38
N GLY A 274 22.04 9.44 -7.67
CA GLY A 274 22.02 9.72 -6.25
C GLY A 274 21.52 11.11 -5.90
N ASP A 275 21.63 12.06 -6.84
CA ASP A 275 21.24 13.43 -6.53
C ASP A 275 19.73 13.56 -6.41
N VAL A 276 18.98 12.88 -7.30
CA VAL A 276 17.53 12.98 -7.26
C VAL A 276 16.97 12.18 -6.09
N CYS A 277 17.67 11.13 -5.64
CA CYS A 277 17.18 10.34 -4.53
C CYS A 277 17.26 11.13 -3.23
N LEU A 278 18.34 11.89 -3.05
CA LEU A 278 18.40 12.82 -1.92
C LEU A 278 17.29 13.86 -2.00
N LYS A 279 17.01 14.36 -3.22
CA LYS A 279 15.99 15.39 -3.37
C LYS A 279 14.60 14.82 -3.09
N ILE A 280 14.33 13.59 -3.52
CA ILE A 280 13.01 13.01 -3.30
C ILE A 280 12.74 12.82 -1.82
N ILE A 281 13.75 12.32 -1.08
CA ILE A 281 13.59 12.18 0.36
C ILE A 281 13.44 13.53 1.03
N GLU A 282 14.22 14.53 0.59
CA GLU A 282 14.10 15.87 1.18
C GLU A 282 12.72 16.45 0.92
N LEU A 283 12.21 16.30 -0.30
CA LEU A 283 10.90 16.86 -0.62
C LEU A 283 9.81 16.19 0.19
N ILE A 284 9.86 14.86 0.32
CA ILE A 284 8.85 14.16 1.12
C ILE A 284 8.88 14.67 2.56
N LYS A 285 10.08 14.81 3.13
CA LYS A 285 10.22 15.31 4.48
C LYS A 285 9.87 16.79 4.60
N SER A 286 9.94 17.54 3.50
CA SER A 286 9.69 18.98 3.59
C SER A 286 8.22 19.25 3.82
N GLN A 287 7.95 20.18 4.73
CA GLN A 287 6.62 20.61 5.12
C GLN A 287 6.02 21.63 4.14
N ASP A 288 6.77 22.01 3.12
CA ASP A 288 6.34 23.01 2.15
C ASP A 288 5.72 22.41 0.91
N THR A 289 6.04 21.16 0.57
CA THR A 289 5.60 20.61 -0.71
C THR A 289 4.10 20.33 -0.67
N THR A 290 3.49 20.38 -1.86
CA THR A 290 2.03 20.18 -1.97
C THR A 290 1.67 18.72 -1.72
N PRO A 291 0.43 18.45 -1.23
CA PRO A 291 0.00 17.08 -1.02
C PRO A 291 -0.05 16.33 -2.35
N THR A 292 -0.37 17.04 -3.42
CA THR A 292 -0.42 16.40 -4.76
C THR A 292 1.00 16.01 -5.16
N ASP A 293 1.99 16.87 -4.84
CA ASP A 293 3.35 16.49 -5.15
C ASP A 293 3.84 15.37 -4.24
N LEU A 294 3.47 15.43 -2.96
CA LEU A 294 3.89 14.40 -2.01
C LEU A 294 3.42 13.02 -2.46
N TYR A 295 2.18 12.93 -2.95
CA TYR A 295 1.65 11.65 -3.41
C TYR A 295 2.49 11.09 -4.54
N GLY A 296 2.80 11.92 -5.54
CA GLY A 296 3.65 11.45 -6.63
C GLY A 296 5.04 11.05 -6.16
N LEU A 297 5.64 11.84 -5.25
CA LEU A 297 6.94 11.50 -4.69
C LEU A 297 6.91 10.13 -4.00
N LEU A 298 5.81 9.84 -3.29
CA LEU A 298 5.68 8.55 -2.64
C LEU A 298 5.46 7.44 -3.67
N ILE A 299 4.76 7.74 -4.77
CA ILE A 299 4.54 6.74 -5.80
C ILE A 299 5.85 6.34 -6.46
N ILE A 300 6.65 7.35 -6.77
CA ILE A 300 7.97 7.07 -7.39
C ILE A 300 8.78 6.22 -6.42
N LEU A 301 8.86 6.64 -5.16
CA LEU A 301 9.72 5.92 -4.19
C LEU A 301 9.23 4.48 -4.02
N ALA A 302 7.91 4.28 -3.89
CA ALA A 302 7.43 2.91 -3.75
C ALA A 302 7.70 2.09 -5.00
N ASN A 303 7.55 2.70 -6.18
CA ASN A 303 7.86 2.00 -7.43
C ASN A 303 9.33 1.63 -7.50
N VAL A 304 10.20 2.51 -7.01
CA VAL A 304 11.63 2.30 -7.12
C VAL A 304 12.13 1.39 -6.00
N SER A 305 11.42 1.34 -4.88
CA SER A 305 11.80 0.49 -3.76
C SER A 305 11.24 -0.92 -3.87
N GLU A 306 10.43 -1.20 -4.89
CA GLU A 306 9.72 -2.46 -5.00
C GLU A 306 10.68 -3.58 -5.40
N HIS A 307 10.56 -4.73 -4.74
CA HIS A 307 11.39 -5.87 -5.14
C HIS A 307 10.77 -6.58 -6.34
N PRO A 308 11.57 -7.07 -7.26
CA PRO A 308 11.01 -7.79 -8.41
C PRO A 308 10.64 -9.21 -8.04
N SER A 309 9.82 -9.82 -8.88
CA SER A 309 9.37 -11.20 -8.64
C SER A 309 9.99 -12.18 -9.62
N GLU A 335 16.22 -5.65 -13.64
CA GLU A 335 16.79 -5.01 -12.45
C GLU A 335 17.24 -6.06 -11.43
N ASN A 336 18.24 -5.70 -10.62
CA ASN A 336 18.84 -6.60 -9.66
C ASN A 336 18.22 -6.37 -8.28
N VAL A 337 18.15 -7.45 -7.50
CA VAL A 337 17.64 -7.36 -6.14
C VAL A 337 18.61 -6.61 -5.23
N LYS A 338 19.91 -6.92 -5.33
CA LYS A 338 20.88 -6.30 -4.43
C LYS A 338 20.97 -4.79 -4.65
N ASP A 339 20.77 -4.33 -5.90
CA ASP A 339 20.73 -2.90 -6.18
C ASP A 339 19.51 -2.24 -5.57
N ILE A 340 18.35 -2.89 -5.69
CA ILE A 340 17.15 -2.38 -5.04
C ILE A 340 17.32 -2.43 -3.53
N GLU A 341 17.88 -3.52 -3.00
CA GLU A 341 18.15 -3.60 -1.57
C GLU A 341 19.15 -2.54 -1.13
N GLU A 342 20.15 -2.25 -1.96
CA GLU A 342 21.12 -1.23 -1.62
C GLU A 342 20.49 0.15 -1.59
N PHE A 343 19.59 0.43 -2.53
CA PHE A 343 18.86 1.70 -2.53
C PHE A 343 18.00 1.84 -1.28
N ASN A 344 17.22 0.81 -0.93
CA ASN A 344 16.31 0.93 0.20
C ASN A 344 17.07 1.17 1.49
N ARG A 345 18.23 0.52 1.65
CA ARG A 345 19.04 0.74 2.83
C ARG A 345 19.65 2.15 2.80
N ASP A 346 20.20 2.56 1.66
CA ASP A 346 20.98 3.79 1.60
C ASP A 346 20.14 5.05 1.49
N TYR A 347 18.93 4.97 0.95
CA TYR A 347 18.15 6.19 0.75
C TYR A 347 16.86 6.23 1.56
N ILE A 348 16.26 5.09 1.86
CA ILE A 348 15.03 5.05 2.67
C ILE A 348 15.35 4.82 4.13
N ILE A 349 16.14 3.79 4.42
CA ILE A 349 16.47 3.44 5.80
C ILE A 349 17.56 4.38 6.32
N ASP A 350 18.61 4.64 5.53
CA ASP A 350 19.70 5.51 5.96
C ASP A 350 19.22 6.93 6.23
N LEU A 351 18.39 7.47 5.34
CA LEU A 351 17.92 8.84 5.44
C LEU A 351 16.66 8.98 6.30
N ASP A 352 16.23 7.91 6.97
CA ASP A 352 15.11 7.95 7.92
C ASP A 352 13.80 8.39 7.25
N LEU A 353 13.54 7.83 6.06
CA LEU A 353 12.30 8.18 5.36
C LEU A 353 11.07 7.71 6.14
N ILE A 354 11.10 6.47 6.62
CA ILE A 354 9.96 5.90 7.37
C ILE A 354 9.70 6.70 8.64
N GLY A 355 10.76 7.00 9.40
CA GLY A 355 10.58 7.67 10.68
C GLY A 355 9.97 9.06 10.55
N SER A 356 10.17 9.71 9.40
CA SER A 356 9.59 11.03 9.21
C SER A 356 8.12 10.93 8.80
N LEU A 357 7.74 9.84 8.11
CA LEU A 357 6.35 9.67 7.73
C LEU A 357 5.39 9.64 8.92
N LYS A 358 5.90 9.45 10.13
CA LYS A 358 5.04 9.46 11.30
C LYS A 358 4.51 10.86 11.59
N SER A 359 5.31 11.89 11.35
CA SER A 359 4.96 13.27 11.65
C SER A 359 4.64 14.06 10.38
N ILE A 360 3.92 13.46 9.44
CA ILE A 360 3.53 14.10 8.19
C ILE A 360 2.07 13.77 7.92
N LYS A 361 1.32 14.74 7.41
CA LYS A 361 -0.08 14.55 7.10
C LYS A 361 -0.21 13.76 5.81
N LEU A 362 -0.84 12.59 5.89
CA LEU A 362 -0.97 11.69 4.76
C LEU A 362 -2.44 11.48 4.47
N SER A 363 -2.82 11.61 3.19
CA SER A 363 -4.15 11.20 2.79
C SER A 363 -4.21 9.69 2.64
N THR A 364 -5.40 9.16 2.37
CA THR A 364 -5.56 7.71 2.23
C THR A 364 -4.65 7.17 1.13
N SER A 365 -4.55 7.87 0.00
CA SER A 365 -3.76 7.33 -1.12
C SER A 365 -2.26 7.40 -0.82
N SER A 366 -1.81 8.45 -0.15
CA SER A 366 -0.41 8.52 0.25
C SER A 366 -0.10 7.52 1.34
N TYR A 367 -1.03 7.33 2.27
CA TYR A 367 -0.86 6.29 3.29
C TYR A 367 -0.70 4.92 2.62
N ASN A 368 -1.46 4.68 1.55
CA ASN A 368 -1.34 3.44 0.79
C ASN A 368 0.07 3.27 0.24
N GLN A 369 0.67 4.34 -0.27
CA GLN A 369 2.04 4.22 -0.76
C GLN A 369 3.03 4.07 0.37
N ALA A 370 2.78 4.75 1.50
CA ALA A 370 3.67 4.59 2.64
C ALA A 370 3.68 3.14 3.12
N ILE A 371 2.50 2.52 3.24
CA ILE A 371 2.43 1.10 3.55
C ILE A 371 3.18 0.28 2.50
N ARG A 372 3.04 0.67 1.24
CA ARG A 372 3.71 -0.02 0.16
C ARG A 372 5.24 0.11 0.28
N ILE A 373 5.72 1.26 0.73
CA ILE A 373 7.16 1.45 0.91
C ILE A 373 7.66 0.60 2.08
N ILE A 374 6.90 0.57 3.18
CA ILE A 374 7.25 -0.27 4.31
C ILE A 374 7.31 -1.74 3.88
N TYR A 375 6.28 -2.19 3.16
CA TYR A 375 6.27 -3.56 2.66
C TYR A 375 7.51 -3.85 1.82
N ASN A 376 7.85 -2.95 0.90
CA ASN A 376 9.00 -3.14 0.03
C ASN A 376 10.29 -3.29 0.84
N VAL A 377 10.51 -2.43 1.83
CA VAL A 377 11.75 -2.50 2.58
C VAL A 377 11.83 -3.80 3.38
N THR A 378 10.70 -4.26 3.91
CA THR A 378 10.73 -5.47 4.73
C THR A 378 10.99 -6.73 3.92
N ARG A 379 10.98 -6.67 2.58
CA ARG A 379 11.36 -7.82 1.77
C ARG A 379 12.82 -8.20 1.99
N ASP A 380 13.63 -7.30 2.53
CA ASP A 380 14.98 -7.61 3.00
C ASP A 380 14.95 -7.64 4.52
N LYS A 381 15.08 -8.83 5.10
CA LYS A 381 14.91 -9.04 6.53
C LYS A 381 15.97 -8.33 7.37
N THR A 382 17.13 -8.01 6.78
CA THR A 382 18.15 -7.28 7.51
C THR A 382 17.72 -5.86 7.86
N GLN A 383 16.76 -5.29 7.14
CA GLN A 383 16.30 -3.92 7.40
C GLN A 383 15.07 -3.85 8.28
N ILE A 384 14.50 -4.99 8.66
CA ILE A 384 13.25 -5.00 9.43
C ILE A 384 13.46 -4.35 10.79
N SER A 385 14.60 -4.61 11.43
CA SER A 385 14.86 -4.03 12.74
C SER A 385 14.93 -2.51 12.68
N GLU A 386 15.51 -1.97 11.60
CA GLU A 386 15.55 -0.53 11.44
C GLU A 386 14.15 0.04 11.18
N CYS A 387 13.34 -0.65 10.38
CA CYS A 387 11.96 -0.25 10.17
C CYS A 387 11.22 -0.12 11.49
N VAL A 388 11.35 -1.12 12.36
CA VAL A 388 10.62 -1.13 13.62
C VAL A 388 11.07 0.04 14.49
N LYS A 389 12.38 0.29 14.54
CA LYS A 389 12.88 1.43 15.31
C LYS A 389 12.30 2.74 14.81
N GLN A 390 12.15 2.87 13.49
CA GLN A 390 11.58 4.08 12.91
C GLN A 390 10.06 4.14 13.02
N GLY A 391 9.42 3.18 13.67
CA GLY A 391 7.99 3.23 13.89
C GLY A 391 7.12 2.58 12.84
N ALA A 392 7.68 1.70 11.99
CA ALA A 392 6.87 1.10 10.93
C ALA A 392 5.75 0.24 11.49
N GLY A 393 5.99 -0.40 12.64
CA GLY A 393 4.96 -1.24 13.22
C GLY A 393 3.71 -0.47 13.56
N LEU A 394 3.86 0.67 14.23
CA LEU A 394 2.70 1.48 14.58
C LEU A 394 2.00 1.98 13.33
N MET A 395 2.75 2.25 12.26
CA MET A 395 2.11 2.72 11.05
C MET A 395 1.30 1.61 10.38
N LEU A 396 1.80 0.37 10.41
CA LEU A 396 0.99 -0.74 9.91
C LEU A 396 -0.26 -0.93 10.77
N LEU A 397 -0.10 -0.93 12.09
CA LEU A 397 -1.22 -1.16 12.99
C LEU A 397 -2.31 -0.11 12.85
N VAL A 398 -1.93 1.17 12.82
CA VAL A 398 -2.94 2.21 12.73
C VAL A 398 -3.65 2.15 11.39
N PHE A 399 -2.91 1.86 10.33
CA PHE A 399 -3.52 1.71 8.99
C PHE A 399 -4.56 0.59 9.03
N LEU A 400 -4.20 -0.53 9.65
CA LEU A 400 -5.11 -1.69 9.67
C LEU A 400 -6.35 -1.40 10.53
N ALA A 401 -6.17 -0.75 11.68
CA ALA A 401 -7.32 -0.41 12.52
C ALA A 401 -8.26 0.55 11.80
N GLN A 402 -7.72 1.53 11.07
CA GLN A 402 -8.58 2.51 10.40
C GLN A 402 -9.39 1.87 9.28
N LYS A 403 -8.86 0.83 8.63
CA LYS A 403 -9.53 0.18 7.53
C LYS A 403 -10.35 -1.03 7.94
N ARG A 404 -10.25 -1.45 9.20
CA ARG A 404 -10.83 -2.71 9.67
C ARG A 404 -12.31 -2.82 9.31
N ASN A 405 -13.09 -1.79 9.62
CA ASN A 405 -14.51 -1.76 9.29
C ASN A 405 -14.80 -0.97 8.02
N LEU A 406 -13.78 -0.71 7.20
CA LEU A 406 -13.91 0.17 6.04
C LEU A 406 -13.58 -0.54 4.74
N SER A 407 -12.29 -0.84 4.53
CA SER A 407 -11.88 -1.42 3.23
C SER A 407 -10.81 -2.50 3.41
N LYS A 408 -11.22 -3.77 3.50
CA LYS A 408 -10.22 -4.87 3.55
C LYS A 408 -9.80 -5.13 2.10
N ASP A 409 -9.13 -4.17 1.47
CA ASP A 409 -8.76 -4.27 0.03
C ASP A 409 -7.35 -4.82 -0.12
N GLU A 410 -6.76 -4.63 -1.31
CA GLU A 410 -5.40 -5.11 -1.56
C GLU A 410 -4.41 -4.41 -0.64
N TRP A 411 -4.65 -3.14 -0.32
CA TRP A 411 -3.76 -2.39 0.62
C TRP A 411 -3.87 -3.01 2.02
N TYR A 412 -5.09 -3.36 2.44
CA TYR A 412 -5.29 -4.00 3.76
C TYR A 412 -4.45 -5.28 3.82
N LEU A 413 -4.52 -6.08 2.75
CA LEU A 413 -3.73 -7.35 2.71
C LEU A 413 -2.24 -7.01 2.75
N LEU A 414 -1.81 -6.05 1.92
CA LEU A 414 -0.39 -5.70 1.89
C LEU A 414 0.14 -5.33 3.27
N SER A 415 -0.67 -4.61 4.05
CA SER A 415 -0.25 -4.20 5.41
C SER A 415 -0.01 -5.44 6.28
N ILE A 416 -0.92 -6.41 6.24
CA ILE A 416 -0.78 -7.65 7.06
C ILE A 416 0.49 -8.39 6.64
N ARG A 417 0.75 -8.44 5.33
CA ARG A 417 1.96 -9.13 4.81
C ARG A 417 3.20 -8.48 5.43
N ALA A 418 3.28 -7.15 5.41
CA ALA A 418 4.41 -6.45 6.03
C ALA A 418 4.45 -6.71 7.53
N LEU A 419 3.28 -6.79 8.16
CA LEU A 419 3.21 -7.01 9.60
C LEU A 419 3.69 -8.40 9.97
N SER A 420 3.22 -9.41 9.23
CA SER A 420 3.68 -10.77 9.43
C SER A 420 5.20 -10.86 9.37
N LYS A 421 5.78 -10.33 8.29
CA LYS A 421 7.22 -10.44 8.11
C LYS A 421 7.97 -9.71 9.22
N THR A 422 7.41 -8.60 9.70
CA THR A 422 8.01 -7.86 10.81
C THR A 422 7.97 -8.67 12.10
N LEU A 423 6.80 -9.22 12.43
CA LEU A 423 6.65 -9.99 13.65
C LEU A 423 7.38 -11.33 13.60
N ILE A 424 7.90 -11.73 12.44
CA ILE A 424 8.69 -12.95 12.37
C ILE A 424 10.12 -12.71 12.86
N TYR A 425 10.72 -11.57 12.51
CA TYR A 425 12.16 -11.39 12.67
C TYR A 425 12.57 -10.49 13.83
N VAL A 426 11.63 -9.83 14.50
CA VAL A 426 11.96 -8.99 15.64
C VAL A 426 11.19 -9.48 16.86
N ASN A 427 11.78 -9.23 18.03
CA ASN A 427 11.08 -9.45 19.29
C ASN A 427 9.76 -8.68 19.28
N PRO A 428 8.64 -9.34 19.57
CA PRO A 428 7.34 -8.64 19.46
C PRO A 428 7.19 -7.47 20.43
N GLU A 429 7.74 -7.57 21.65
CA GLU A 429 7.52 -6.53 22.65
C GLU A 429 8.17 -5.20 22.27
N THR A 430 9.15 -5.20 21.36
CA THR A 430 9.84 -3.98 20.94
C THR A 430 9.35 -3.47 19.59
N ALA A 431 8.30 -4.08 19.03
CA ALA A 431 7.89 -3.73 17.64
C ALA A 431 6.86 -2.59 17.57
N PHE A 432 6.11 -2.31 18.65
CA PHE A 432 5.04 -1.30 18.53
C PHE A 432 5.16 -0.21 19.60
N SER A 433 6.29 0.50 19.64
CA SER A 433 6.45 1.64 20.58
C SER A 433 5.90 1.28 21.97
N LYS A 434 6.33 0.15 22.54
CA LYS A 434 5.94 -0.22 23.93
C LYS A 434 4.44 -0.54 23.98
N TYR A 435 3.72 -0.44 22.86
CA TYR A 435 2.29 -0.83 22.82
C TYR A 435 2.21 -2.35 22.67
N SER A 436 1.17 -2.97 23.23
CA SER A 436 1.06 -4.45 23.19
C SER A 436 1.17 -4.94 21.74
N PRO A 437 2.06 -5.90 21.43
CA PRO A 437 2.16 -6.45 20.09
C PRO A 437 0.97 -7.37 19.81
N LEU A 438 0.13 -7.61 20.82
CA LEU A 438 -1.01 -8.51 20.64
C LEU A 438 -2.18 -7.85 19.92
N SER A 439 -2.23 -6.52 19.86
CA SER A 439 -3.23 -5.88 19.00
C SER A 439 -3.03 -6.22 17.54
N ALA A 440 -1.85 -6.74 17.18
CA ALA A 440 -1.62 -7.28 15.84
C ALA A 440 -2.33 -8.60 15.61
N ALA A 441 -2.50 -9.41 16.66
CA ALA A 441 -3.08 -10.78 16.53
C ALA A 441 -4.30 -10.83 15.60
N PRO A 442 -5.36 -10.02 15.80
CA PRO A 442 -6.57 -10.15 14.98
C PRO A 442 -6.27 -10.11 13.47
N PHE A 443 -5.39 -9.20 13.05
CA PHE A 443 -5.08 -9.06 11.60
C PHE A 443 -4.38 -10.32 11.08
N LEU A 444 -3.44 -10.87 11.87
CA LEU A 444 -2.74 -12.12 11.47
C LEU A 444 -3.78 -13.23 11.29
N PHE A 445 -4.77 -13.30 12.18
CA PHE A 445 -5.81 -14.35 12.09
C PHE A 445 -6.58 -14.20 10.78
N GLU A 446 -6.67 -12.97 10.25
CA GLU A 446 -7.39 -12.72 8.99
C GLU A 446 -6.69 -13.45 7.82
N ASN A 447 -5.38 -13.65 7.94
CA ASN A 447 -4.62 -14.34 6.85
C ASN A 447 -4.65 -15.86 7.09
N LEU A 448 -5.49 -16.33 8.01
CA LEU A 448 -5.63 -17.79 8.26
C LEU A 448 -6.99 -18.23 7.75
N PRO A 449 -7.08 -19.35 6.98
CA PRO A 449 -8.35 -19.85 6.48
C PRO A 449 -9.39 -20.00 7.60
N LEU A 450 -10.60 -19.49 7.38
CA LEU A 450 -11.67 -19.58 8.40
C LEU A 450 -12.40 -20.92 8.22
N PRO A 451 -13.16 -21.41 9.22
CA PRO A 451 -13.94 -22.64 9.06
C PRO A 451 -14.59 -22.64 7.66
N ASN A 452 -14.42 -23.72 6.90
CA ASN A 452 -14.94 -23.77 5.52
C ASN A 452 -16.42 -23.37 5.51
N ASP A 453 -17.15 -23.72 6.58
CA ASP A 453 -18.60 -23.39 6.65
C ASP A 453 -18.78 -21.92 6.31
N ASN A 454 -17.87 -21.06 6.77
CA ASN A 454 -17.95 -19.61 6.47
C ASN A 454 -17.01 -19.28 5.31
N ALA A 455 -15.70 -19.24 5.59
CA ALA A 455 -14.69 -18.95 4.54
C ALA A 455 -15.07 -17.66 3.81
N LEU A 456 -14.81 -17.60 2.50
CA LEU A 456 -15.13 -16.40 1.68
C LEU A 456 -14.59 -15.14 2.39
N SER A 457 -13.29 -14.87 2.26
CA SER A 457 -12.68 -13.69 2.92
C SER A 457 -12.19 -12.72 1.84
N GLU A 458 -12.58 -11.45 1.95
CA GLU A 458 -12.14 -10.42 0.97
C GLU A 458 -10.64 -10.58 0.74
N LEU A 459 -9.87 -10.68 1.82
CA LEU A 459 -8.39 -10.79 1.70
C LEU A 459 -8.07 -12.05 0.89
N GLN A 460 -7.37 -11.88 -0.24
CA GLN A 460 -6.96 -13.04 -1.07
C GLN A 460 -5.59 -13.53 -0.59
N PHE A 461 -5.51 -13.95 0.67
CA PHE A 461 -4.22 -14.43 1.25
C PHE A 461 -3.84 -15.76 0.59
N THR A 462 -2.54 -15.98 0.39
CA THR A 462 -2.06 -17.23 -0.25
C THR A 462 -1.58 -18.20 0.84
N GLN A 463 -1.18 -19.41 0.46
CA GLN A 463 -0.62 -20.33 1.44
C GLN A 463 0.58 -19.72 2.14
N LEU A 464 1.42 -18.98 1.40
CA LEU A 464 2.56 -18.34 2.03
C LEU A 464 2.12 -17.33 3.07
N ASP A 465 1.01 -16.61 2.82
CA ASP A 465 0.53 -15.66 3.82
C ASP A 465 0.10 -16.36 5.10
N THR A 466 -0.56 -17.52 4.95
CA THR A 466 -0.97 -18.27 6.13
C THR A 466 0.24 -18.76 6.91
N TYR A 467 1.22 -19.33 6.20
CA TYR A 467 2.46 -19.74 6.83
C TYR A 467 3.09 -18.60 7.61
N GLU A 468 3.19 -17.42 6.99
CA GLU A 468 3.86 -16.30 7.65
C GLU A 468 3.04 -15.75 8.83
N ALA A 469 1.71 -15.71 8.70
CA ALA A 469 0.92 -15.30 9.85
C ALA A 469 1.09 -16.26 11.02
N LEU A 470 1.21 -17.57 10.73
CA LEU A 470 1.39 -18.56 11.78
C LEU A 470 2.75 -18.42 12.45
N LEU A 471 3.79 -18.12 11.66
CA LEU A 471 5.09 -17.84 12.28
C LEU A 471 4.99 -16.66 13.21
N ALA A 472 4.28 -15.61 12.79
CA ALA A 472 4.15 -14.41 13.61
C ALA A 472 3.33 -14.69 14.87
N LEU A 473 2.24 -15.46 14.74
CA LEU A 473 1.43 -15.80 15.91
C LEU A 473 2.22 -16.65 16.90
N THR A 474 3.07 -17.55 16.39
CA THR A 474 3.90 -18.36 17.26
C THR A 474 4.81 -17.49 18.11
N ASN A 475 5.40 -16.45 17.49
CA ASN A 475 6.20 -15.48 18.22
C ASN A 475 5.35 -14.72 19.23
N LEU A 476 4.16 -14.26 18.82
CA LEU A 476 3.26 -13.64 19.79
C LEU A 476 2.91 -14.61 20.91
N ALA A 477 2.88 -15.92 20.63
CA ALA A 477 2.56 -16.88 21.68
C ALA A 477 3.68 -17.05 22.70
N THR A 478 4.89 -16.56 22.41
CA THR A 478 5.99 -16.65 23.36
C THR A 478 5.88 -15.66 24.50
N ILE A 479 5.02 -14.64 24.39
CA ILE A 479 4.89 -13.62 25.42
C ILE A 479 4.12 -14.23 26.60
N ASN A 480 4.73 -14.17 27.78
CA ASN A 480 4.11 -14.58 29.04
C ASN A 480 3.51 -15.97 28.96
N GLN A 481 4.31 -16.92 28.48
CA GLN A 481 3.89 -18.33 28.40
C GLN A 481 2.60 -18.51 27.61
N GLY A 482 2.35 -17.60 26.66
CA GLY A 482 1.20 -17.68 25.79
C GLY A 482 -0.10 -17.20 26.39
N VAL A 483 -0.10 -16.73 27.63
CA VAL A 483 -1.33 -16.30 28.27
C VAL A 483 -1.98 -15.17 27.48
N ASP A 484 -1.17 -14.20 27.10
CA ASP A 484 -1.74 -12.99 26.44
C ASP A 484 -2.43 -13.34 25.12
N LEU A 485 -1.77 -14.12 24.25
CA LEU A 485 -2.40 -14.53 22.96
C LEU A 485 -3.52 -15.53 23.25
N GLY A 486 -3.36 -16.35 24.28
CA GLY A 486 -4.45 -17.25 24.64
C GLY A 486 -5.74 -16.51 24.97
N LYS A 487 -5.62 -15.38 25.68
CA LYS A 487 -6.81 -14.60 26.03
C LYS A 487 -7.53 -14.11 24.79
N ILE A 488 -6.78 -13.81 23.73
CA ILE A 488 -7.41 -13.37 22.48
C ILE A 488 -8.09 -14.54 21.80
N ILE A 489 -7.44 -15.70 21.78
CA ILE A 489 -8.05 -16.90 21.21
C ILE A 489 -9.30 -17.30 22.01
N LEU A 490 -9.28 -17.15 23.34
CA LEU A 490 -10.44 -17.53 24.15
C LEU A 490 -11.61 -16.57 23.96
N SER A 491 -11.34 -15.31 23.64
CA SER A 491 -12.41 -14.33 23.43
C SER A 491 -13.15 -14.51 22.12
N ASN A 492 -12.65 -15.35 21.20
CA ASN A 492 -13.33 -15.57 19.93
C ASN A 492 -13.11 -17.02 19.50
N ALA A 493 -14.18 -17.82 19.56
CA ALA A 493 -14.09 -19.23 19.18
C ALA A 493 -13.66 -19.40 17.73
N GLN A 494 -13.88 -18.37 16.90
CA GLN A 494 -13.46 -18.40 15.51
C GLN A 494 -11.93 -18.46 15.38
N TYR A 495 -11.21 -17.87 16.34
CA TYR A 495 -9.75 -17.92 16.26
C TYR A 495 -9.25 -19.33 16.50
N TRP A 496 -9.81 -20.03 17.49
CA TRP A 496 -9.34 -21.38 17.76
C TRP A 496 -9.72 -22.33 16.63
N ASP A 497 -10.98 -22.26 16.17
CA ASP A 497 -11.40 -23.05 15.02
C ASP A 497 -10.42 -22.90 13.84
N SER A 498 -9.96 -21.68 13.57
CA SER A 498 -9.00 -21.48 12.47
C SER A 498 -7.69 -22.23 12.72
N ILE A 499 -7.19 -22.19 13.95
CA ILE A 499 -5.98 -22.95 14.27
C ILE A 499 -6.24 -24.44 14.15
N GLU A 500 -7.33 -24.92 14.75
CA GLU A 500 -7.65 -26.37 14.70
C GLU A 500 -7.80 -26.83 13.25
N ASN A 501 -8.31 -25.96 12.37
CA ASN A 501 -8.56 -26.35 10.96
C ASN A 501 -7.23 -26.63 10.23
N LEU A 502 -6.11 -26.23 10.81
CA LEU A 502 -4.80 -26.38 10.11
C LEU A 502 -3.99 -27.52 10.75
N LEU A 503 -4.56 -28.21 11.73
CA LEU A 503 -3.85 -29.31 12.37
C LEU A 503 -3.45 -30.40 11.37
N LEU A 504 -4.31 -30.67 10.38
CA LEU A 504 -4.02 -31.67 9.35
C LEU A 504 -3.90 -31.05 7.97
N ASP A 505 -3.37 -29.83 7.90
CA ASP A 505 -3.24 -29.16 6.63
C ASP A 505 -2.35 -29.93 5.66
N SER A 506 -2.64 -29.81 4.37
CA SER A 506 -1.89 -30.51 3.34
C SER A 506 -0.49 -29.94 3.19
N SER A 507 -0.25 -28.74 3.68
CA SER A 507 1.06 -28.13 3.59
C SER A 507 1.87 -28.49 4.84
N VAL A 508 3.06 -29.07 4.62
CA VAL A 508 3.92 -29.44 5.73
C VAL A 508 4.31 -28.20 6.54
N ARG A 509 4.66 -27.11 5.86
CA ARG A 509 5.12 -25.93 6.60
C ARG A 509 3.99 -25.26 7.35
N ILE A 510 2.78 -25.34 6.84
CA ILE A 510 1.64 -24.80 7.58
C ILE A 510 1.29 -25.70 8.76
N GLN A 511 1.29 -27.02 8.55
CA GLN A 511 1.03 -27.94 9.65
C GLN A 511 2.10 -27.80 10.74
N ARG A 512 3.36 -27.70 10.32
CA ARG A 512 4.45 -27.51 11.28
C ARG A 512 4.27 -26.22 12.08
N SER A 513 3.96 -25.12 11.41
CA SER A 513 3.85 -23.84 12.12
C SER A 513 2.62 -23.82 13.03
N THR A 514 1.54 -24.50 12.64
CA THR A 514 0.37 -24.63 13.50
C THR A 514 0.71 -25.40 14.79
N LEU A 515 1.46 -26.50 14.68
CA LEU A 515 1.79 -27.27 15.87
C LEU A 515 2.72 -26.50 16.78
N GLU A 516 3.71 -25.80 16.19
CA GLU A 516 4.58 -24.95 16.97
C GLU A 516 3.79 -23.90 17.74
N LEU A 517 2.84 -23.26 17.07
CA LEU A 517 1.98 -22.28 17.72
C LEU A 517 1.28 -22.90 18.93
N ILE A 518 0.71 -24.09 18.77
CA ILE A 518 0.01 -24.75 19.86
C ILE A 518 0.98 -25.10 20.99
N SER A 519 2.21 -25.49 20.65
CA SER A 519 3.14 -25.91 21.71
C SER A 519 3.49 -24.72 22.60
N ASN A 520 3.64 -23.53 22.02
CA ASN A 520 3.85 -22.32 22.83
C ASN A 520 2.60 -21.99 23.65
N LEU A 521 1.42 -22.22 23.10
CA LEU A 521 0.20 -21.92 23.85
C LEU A 521 -0.06 -22.91 24.97
N MET A 522 0.66 -24.03 25.01
CA MET A 522 0.52 -25.02 26.07
C MET A 522 1.46 -24.77 27.24
N SER A 523 2.13 -23.61 27.28
CA SER A 523 2.96 -23.27 28.43
C SER A 523 2.13 -22.79 29.60
N ASN A 524 0.83 -22.62 29.35
CA ASN A 524 -0.14 -22.21 30.41
C ASN A 524 -1.46 -22.85 30.01
N PRO A 525 -2.06 -23.74 30.82
CA PRO A 525 -3.27 -24.48 30.41
C PRO A 525 -4.55 -23.66 30.22
N MET A 526 -4.54 -22.36 30.52
CA MET A 526 -5.79 -21.63 30.44
C MET A 526 -6.31 -21.55 29.02
N ALA A 527 -5.42 -21.38 28.05
CA ALA A 527 -5.82 -21.00 26.70
C ALA A 527 -6.55 -22.10 25.95
N ILE A 528 -5.89 -23.23 25.71
CA ILE A 528 -6.41 -24.24 24.79
C ILE A 528 -6.21 -25.66 25.31
N SER A 529 -5.79 -25.80 26.58
CA SER A 529 -5.52 -27.14 27.09
C SER A 529 -6.77 -28.02 27.03
N ALA A 530 -7.94 -27.45 27.32
CA ALA A 530 -9.20 -28.17 27.26
C ALA A 530 -9.52 -28.70 25.87
N LYS A 531 -9.00 -28.07 24.82
CA LYS A 531 -9.22 -28.53 23.46
C LYS A 531 -8.63 -29.91 23.19
N PHE A 532 -7.68 -30.37 24.02
CA PHE A 532 -6.97 -31.62 23.78
C PHE A 532 -7.00 -32.56 24.97
N PHE A 533 -7.15 -32.01 26.18
CA PHE A 533 -6.98 -32.78 27.40
C PHE A 533 -8.22 -32.71 28.30
N CYS A 534 -9.40 -32.51 27.71
CA CYS A 534 -10.66 -32.70 28.44
C CYS A 534 -11.25 -34.03 27.95
N PHE A 535 -10.81 -35.13 28.57
CA PHE A 535 -11.17 -36.44 28.06
C PHE A 535 -12.64 -36.76 28.24
N GLU A 536 -13.38 -35.98 29.03
CA GLU A 536 -14.82 -36.16 29.14
C GLU A 536 -15.57 -35.59 27.94
N ASN A 537 -14.90 -34.79 27.10
CA ASN A 537 -15.51 -34.21 25.92
C ASN A 537 -15.11 -35.01 24.69
N PRO A 538 -16.06 -35.56 23.93
CA PRO A 538 -15.65 -36.40 22.78
C PRO A 538 -14.81 -35.66 21.75
N LYS A 539 -15.17 -34.40 21.44
CA LYS A 539 -14.38 -33.64 20.50
C LYS A 539 -12.94 -33.48 20.98
N SER A 540 -12.75 -33.16 22.26
CA SER A 540 -11.41 -33.00 22.81
C SER A 540 -10.65 -34.33 22.83
N ALA A 541 -11.32 -35.42 23.20
CA ALA A 541 -10.68 -36.73 23.23
C ALA A 541 -10.26 -37.18 21.84
N GLN A 542 -11.03 -36.84 20.80
CA GLN A 542 -10.59 -37.20 19.47
C GLN A 542 -9.38 -36.38 19.05
N ASN A 543 -9.36 -35.09 19.43
CA ASN A 543 -8.18 -34.25 19.21
C ASN A 543 -6.94 -34.87 19.83
N PHE A 544 -7.05 -35.38 21.06
CA PHE A 544 -5.91 -35.99 21.72
C PHE A 544 -5.39 -37.20 20.94
N GLU A 545 -6.30 -38.05 20.46
CA GLU A 545 -5.88 -39.22 19.70
C GLU A 545 -5.16 -38.82 18.42
N ILE A 546 -5.66 -37.78 17.74
CA ILE A 546 -5.01 -37.27 16.54
C ILE A 546 -3.62 -36.74 16.88
N LEU A 547 -3.54 -35.91 17.93
CA LEU A 547 -2.26 -35.38 18.37
C LEU A 547 -1.26 -36.49 18.65
N VAL A 548 -1.68 -37.53 19.38
CA VAL A 548 -0.80 -38.67 19.62
C VAL A 548 -0.25 -39.21 18.31
N LYS A 549 -1.11 -39.40 17.31
CA LYS A 549 -0.63 -40.00 16.07
C LYS A 549 0.36 -39.09 15.35
N LEU A 550 0.19 -37.78 15.49
CA LEU A 550 1.07 -36.83 14.84
C LEU A 550 2.51 -36.89 15.36
N LEU A 551 2.76 -37.63 16.45
CA LEU A 551 4.13 -37.79 16.93
C LEU A 551 5.02 -38.45 15.90
N GLU A 552 4.44 -39.18 14.95
CA GLU A 552 5.19 -39.90 13.96
C GLU A 552 5.09 -39.26 12.58
N LEU A 553 4.77 -37.98 12.55
CA LEU A 553 4.87 -37.19 11.31
C LEU A 553 6.27 -37.28 10.74
N HIS A 554 6.38 -37.13 9.42
CA HIS A 554 7.69 -37.22 8.80
C HIS A 554 8.53 -35.95 8.98
N ASP A 555 7.90 -34.82 9.27
CA ASP A 555 8.60 -33.55 9.46
C ASP A 555 9.14 -33.43 10.87
N ILE A 556 10.47 -33.46 11.04
CA ILE A 556 11.03 -33.49 12.39
C ILE A 556 10.62 -32.25 13.17
N GLN A 557 10.60 -31.08 12.51
CA GLN A 557 10.15 -29.87 13.22
C GLN A 557 8.74 -30.06 13.76
N SER A 558 7.85 -30.65 12.96
CA SER A 558 6.51 -30.97 13.45
C SER A 558 6.55 -31.91 14.64
N GLN A 559 7.37 -32.97 14.58
CA GLN A 559 7.43 -33.95 15.65
C GLN A 559 7.91 -33.30 16.94
N ARG A 560 8.97 -32.49 16.85
CA ARG A 560 9.46 -31.77 18.03
C ARG A 560 8.35 -30.95 18.66
N ALA A 561 7.53 -30.30 17.84
CA ALA A 561 6.48 -29.45 18.38
C ALA A 561 5.38 -30.29 19.04
N VAL A 562 4.98 -31.39 18.40
CA VAL A 562 3.99 -32.28 19.00
C VAL A 562 4.49 -32.79 20.35
N ALA A 563 5.76 -33.25 20.37
CA ALA A 563 6.36 -33.71 21.62
C ALA A 563 6.41 -32.60 22.65
N ALA A 564 6.66 -31.37 22.22
CA ALA A 564 6.65 -30.23 23.11
C ALA A 564 5.27 -29.96 23.67
N ILE A 565 4.24 -30.06 22.82
CA ILE A 565 2.87 -29.95 23.32
C ILE A 565 2.67 -30.85 24.52
N PHE A 566 2.98 -32.15 24.37
CA PHE A 566 2.76 -33.09 25.45
C PHE A 566 3.67 -32.79 26.64
N ALA A 567 4.96 -32.57 26.38
CA ALA A 567 5.91 -32.35 27.47
C ALA A 567 5.55 -31.10 28.26
N ASN A 568 5.10 -30.05 27.58
CA ASN A 568 4.82 -28.79 28.25
C ASN A 568 3.72 -28.95 29.31
N ILE A 569 2.55 -29.50 28.93
CA ILE A 569 1.50 -29.59 29.94
C ILE A 569 1.75 -30.73 30.92
N ALA A 570 2.39 -31.82 30.50
CA ALA A 570 2.65 -32.91 31.43
C ALA A 570 3.59 -32.47 32.55
N SER A 571 4.57 -31.63 32.24
CA SER A 571 5.54 -31.22 33.24
C SER A 571 5.09 -30.00 34.03
N THR A 572 3.85 -29.51 33.81
CA THR A 572 3.32 -28.29 34.40
C THR A 572 1.97 -28.46 35.09
N VAL A 573 1.10 -29.33 34.59
CA VAL A 573 -0.21 -29.54 35.19
C VAL A 573 -0.27 -30.97 35.73
N PRO A 574 -0.16 -31.17 37.05
CA PRO A 574 -0.20 -32.54 37.62
C PRO A 574 -1.49 -33.31 37.31
N PHE A 575 -2.64 -32.63 37.26
CA PHE A 575 -3.89 -33.32 36.95
C PHE A 575 -3.87 -33.89 35.54
N ILE A 576 -3.46 -33.07 34.56
CA ILE A 576 -3.37 -33.54 33.19
C ILE A 576 -2.28 -34.59 33.04
N CYS A 577 -1.15 -34.39 33.72
CA CYS A 577 -0.09 -35.39 33.70
C CYS A 577 -0.58 -36.75 34.18
N LYS A 578 -1.37 -36.77 35.26
CA LYS A 578 -1.91 -38.03 35.77
C LYS A 578 -2.79 -38.73 34.72
N GLU A 579 -3.65 -37.98 34.01
CA GLU A 579 -4.46 -38.63 32.99
C GLU A 579 -3.61 -39.12 31.83
N LEU A 580 -2.68 -38.29 31.35
CA LEU A 580 -1.79 -38.69 30.25
C LEU A 580 -1.02 -39.96 30.57
N SER A 581 -0.59 -40.10 31.82
CA SER A 581 0.17 -41.29 32.21
C SER A 581 -0.67 -42.57 32.11
N GLU A 582 -1.99 -42.46 31.97
CA GLU A 582 -2.85 -43.63 31.80
C GLU A 582 -3.27 -43.85 30.35
N LYS A 583 -2.69 -43.11 29.40
CA LYS A 583 -3.04 -43.22 27.99
C LYS A 583 -2.02 -44.11 27.29
N ARG A 584 -2.42 -45.36 27.03
CA ARG A 584 -1.49 -46.35 26.51
C ARG A 584 -0.95 -45.96 25.14
N ASN A 585 -1.79 -45.39 24.28
CA ASN A 585 -1.33 -45.06 22.93
C ASN A 585 -0.33 -43.91 22.95
N LEU A 586 -0.48 -42.95 23.87
CA LEU A 586 0.53 -41.91 23.96
C LEU A 586 1.87 -42.48 24.40
N ILE A 587 1.88 -43.36 25.42
CA ILE A 587 3.13 -43.88 25.96
C ILE A 587 3.84 -44.76 24.93
N GLU A 588 3.10 -45.67 24.28
CA GLU A 588 3.71 -46.56 23.31
C GLU A 588 4.25 -45.79 22.11
N THR A 589 3.58 -44.71 21.72
CA THR A 589 4.02 -43.94 20.57
C THR A 589 5.27 -43.13 20.91
N ALA A 590 5.29 -42.48 22.08
CA ALA A 590 6.47 -41.73 22.49
C ALA A 590 7.69 -42.64 22.57
N ILE A 591 7.55 -43.81 23.18
CA ILE A 591 8.67 -44.75 23.31
C ILE A 591 9.12 -45.22 21.94
N ARG A 592 8.18 -45.61 21.08
CA ARG A 592 8.50 -45.99 19.70
C ARG A 592 9.29 -44.89 19.00
N VAL A 593 8.83 -43.64 19.11
CA VAL A 593 9.58 -42.55 18.48
C VAL A 593 10.94 -42.38 19.13
N PHE A 594 11.02 -42.60 20.46
CA PHE A 594 12.29 -42.46 21.14
C PHE A 594 13.29 -43.53 20.69
N LYS A 595 12.83 -44.77 20.53
CA LYS A 595 13.75 -45.83 20.10
C LYS A 595 14.39 -45.50 18.76
N THR A 596 13.62 -44.93 17.82
CA THR A 596 14.06 -44.79 16.44
C THR A 596 14.60 -43.40 16.10
N GLN A 597 14.27 -42.36 16.86
CA GLN A 597 14.73 -41.01 16.51
C GLN A 597 15.46 -40.31 17.66
N ASN A 598 16.00 -41.04 18.64
CA ASN A 598 16.66 -40.39 19.77
C ASN A 598 17.93 -39.65 19.37
N THR A 599 18.45 -39.86 18.16
CA THR A 599 19.58 -39.08 17.68
C THR A 599 19.24 -37.61 17.44
N ASP A 600 17.96 -37.25 17.34
CA ASP A 600 17.63 -35.84 17.23
C ASP A 600 17.51 -35.24 18.63
N THR A 601 18.42 -34.30 18.92
CA THR A 601 18.54 -33.77 20.28
C THR A 601 17.24 -33.17 20.78
N ASP A 602 16.67 -32.23 20.04
CA ASP A 602 15.47 -31.54 20.49
C ASP A 602 14.32 -32.52 20.71
N LEU A 603 14.09 -33.42 19.75
CA LEU A 603 13.03 -34.41 19.92
C LEU A 603 13.30 -35.32 21.11
N ARG A 604 14.56 -35.74 21.30
CA ARG A 604 14.92 -36.63 22.39
C ARG A 604 14.60 -36.00 23.75
N ILE A 605 15.10 -34.79 23.97
CA ILE A 605 14.88 -34.07 25.22
C ILE A 605 13.38 -33.93 25.51
N ARG A 606 12.59 -33.62 24.47
CA ARG A 606 11.17 -33.41 24.71
C ARG A 606 10.46 -34.71 25.09
N LEU A 607 10.84 -35.81 24.45
CA LEU A 607 10.28 -37.10 24.81
C LEU A 607 10.72 -37.53 26.21
N LEU A 608 11.96 -37.23 26.59
CA LEU A 608 12.44 -37.58 27.93
C LEU A 608 11.68 -36.82 29.00
N VAL A 609 11.42 -35.52 28.78
CA VAL A 609 10.63 -34.76 29.76
C VAL A 609 9.24 -35.34 29.88
N LEU A 610 8.62 -35.65 28.74
CA LEU A 610 7.28 -36.23 28.78
C LEU A 610 7.29 -37.57 29.50
N LEU A 611 8.24 -38.44 29.16
CA LEU A 611 8.24 -39.79 29.72
C LEU A 611 8.57 -39.78 31.20
N SER A 612 9.53 -38.96 31.63
CA SER A 612 9.84 -38.90 33.05
C SER A 612 8.66 -38.32 33.84
N SER A 613 7.97 -37.33 33.26
CA SER A 613 6.78 -36.80 33.91
C SER A 613 5.73 -37.89 34.08
N ILE A 614 5.50 -38.69 33.03
CA ILE A 614 4.52 -39.75 33.06
C ILE A 614 4.94 -40.85 34.03
N PHE A 615 6.21 -41.25 33.97
CA PHE A 615 6.67 -42.37 34.77
C PHE A 615 6.76 -42.01 36.25
N ASN A 616 7.01 -40.75 36.57
CA ASN A 616 6.97 -40.31 37.95
C ASN A 616 5.55 -40.28 38.50
N ALA A 617 4.55 -40.17 37.63
CA ALA A 617 3.19 -40.14 38.13
C ALA A 617 2.52 -41.52 38.18
N ASN A 618 3.10 -42.52 37.51
CA ASN A 618 2.40 -43.81 37.33
C ASN A 618 3.40 -44.97 37.35
N ALA A 619 3.59 -45.58 38.54
CA ALA A 619 4.49 -46.71 38.65
C ALA A 619 4.02 -47.91 37.83
N HIS A 620 2.72 -48.02 37.59
CA HIS A 620 2.23 -49.12 36.78
C HIS A 620 2.57 -48.93 35.31
N ALA A 621 2.63 -47.67 34.84
CA ALA A 621 3.18 -47.43 33.50
C ALA A 621 4.63 -47.88 33.43
N VAL A 622 5.40 -47.61 34.49
CA VAL A 622 6.80 -48.06 34.55
C VAL A 622 6.88 -49.57 34.49
N ALA A 623 5.98 -50.26 35.20
CA ALA A 623 6.02 -51.72 35.20
C ALA A 623 5.70 -52.30 33.83
N CYS A 624 5.01 -51.54 32.98
CA CYS A 624 4.73 -52.03 31.63
C CYS A 624 6.01 -52.13 30.81
N VAL A 625 6.93 -51.18 30.98
CA VAL A 625 8.11 -51.07 30.13
C VAL A 625 9.36 -51.58 30.80
N LYS A 626 9.27 -52.12 32.02
CA LYS A 626 10.46 -52.55 32.76
C LYS A 626 11.24 -53.67 32.05
N ASN A 627 10.58 -54.42 31.16
CA ASN A 627 11.23 -55.50 30.42
C ASN A 627 11.39 -55.18 28.95
N ASP A 628 11.30 -53.90 28.57
CA ASP A 628 11.59 -53.46 27.21
C ASP A 628 13.11 -53.34 27.07
N GLU A 629 13.73 -54.37 26.49
CA GLU A 629 15.19 -54.40 26.43
C GLU A 629 15.72 -53.25 25.58
N GLU A 630 15.15 -53.04 24.39
CA GLU A 630 15.64 -51.98 23.52
C GLU A 630 15.41 -50.59 24.13
N PHE A 631 14.30 -50.39 24.84
CA PHE A 631 14.08 -49.11 25.49
C PHE A 631 15.13 -48.83 26.55
N VAL A 632 15.43 -49.85 27.38
CA VAL A 632 16.41 -49.68 28.45
C VAL A 632 17.78 -49.39 27.88
N LYS A 633 18.23 -50.19 26.90
CA LYS A 633 19.57 -49.99 26.35
C LYS A 633 19.71 -48.63 25.68
N GLU A 634 18.64 -48.13 25.04
CA GLU A 634 18.72 -46.79 24.45
C GLU A 634 18.80 -45.72 25.53
N LEU A 635 18.21 -45.97 26.70
CA LEU A 635 18.34 -45.03 27.81
C LEU A 635 19.75 -45.08 28.40
N GLN A 636 20.34 -46.28 28.46
CA GLN A 636 21.66 -46.41 29.07
C GLN A 636 22.74 -45.73 28.25
N LYS A 637 22.61 -45.72 26.93
CA LYS A 637 23.63 -45.06 26.12
C LYS A 637 23.67 -43.55 26.36
N TYR A 638 22.58 -42.95 26.85
CA TYR A 638 22.52 -41.51 27.02
C TYR A 638 22.94 -41.05 28.41
N ARG A 639 23.22 -41.98 29.33
CA ARG A 639 23.79 -41.61 30.62
C ARG A 639 25.32 -41.56 30.52
N ASN A 640 25.81 -40.58 29.75
CA ASN A 640 27.24 -40.43 29.53
C ASN A 640 27.64 -39.00 29.11
N GLN A 644 27.25 -32.34 24.05
CA GLN A 644 26.59 -31.12 23.59
C GLN A 644 26.12 -30.27 24.77
N LYS A 645 25.35 -29.23 24.46
CA LYS A 645 24.69 -28.44 25.49
C LYS A 645 23.43 -29.15 25.96
N ASP A 646 23.54 -30.43 26.30
CA ASP A 646 22.39 -31.25 26.64
C ASP A 646 22.58 -31.91 27.99
N PRO A 647 22.31 -31.18 29.08
CA PRO A 647 22.37 -31.80 30.41
C PRO A 647 21.12 -32.55 30.80
N LEU A 648 19.97 -32.25 30.16
CA LEU A 648 18.73 -32.92 30.51
C LEU A 648 18.72 -34.37 30.05
N THR A 649 19.42 -34.67 28.96
CA THR A 649 19.40 -36.04 28.42
C THR A 649 20.01 -37.04 29.39
N PRO A 650 21.23 -36.85 29.91
CA PRO A 650 21.72 -37.82 30.90
C PRO A 650 20.89 -37.83 32.17
N GLU A 651 20.45 -36.66 32.66
CA GLU A 651 19.69 -36.61 33.91
C GLU A 651 18.37 -37.35 33.77
N LEU A 652 17.59 -37.05 32.73
CA LEU A 652 16.30 -37.69 32.61
C LEU A 652 16.43 -39.18 32.30
N SER A 653 17.44 -39.56 31.54
CA SER A 653 17.69 -40.98 31.30
C SER A 653 17.97 -41.71 32.61
N LYS A 654 18.80 -41.11 33.47
CA LYS A 654 19.07 -41.71 34.77
C LYS A 654 17.79 -41.83 35.60
N GLU A 655 17.00 -40.75 35.67
CA GLU A 655 15.77 -40.78 36.46
C GLU A 655 14.83 -41.87 35.98
N ILE A 656 14.69 -42.02 34.65
CA ILE A 656 13.78 -43.03 34.13
C ILE A 656 14.34 -44.43 34.40
N LEU A 657 15.65 -44.60 34.26
CA LEU A 657 16.23 -45.91 34.52
C LEU A 657 16.11 -46.28 36.00
N SER A 658 16.30 -45.31 36.89
CA SER A 658 16.12 -45.60 38.31
C SER A 658 14.68 -45.97 38.63
N LEU A 659 13.70 -45.40 37.95
CA LEU A 659 12.32 -45.81 38.16
C LEU A 659 12.07 -47.22 37.64
N ILE A 660 12.74 -47.60 36.54
CA ILE A 660 12.63 -48.98 36.07
C ILE A 660 13.35 -49.93 37.02
N ASN A 661 14.47 -49.49 37.58
CA ASN A 661 15.13 -50.27 38.63
C ASN A 661 14.24 -50.44 39.84
N LEU A 662 13.49 -49.40 40.21
CA LEU A 662 12.49 -49.50 41.26
C LEU A 662 11.55 -50.67 41.02
N GLU A 663 11.15 -50.89 39.77
CA GLU A 663 10.21 -51.95 39.44
C GLU A 663 10.86 -53.33 39.40
N HIS A 664 12.19 -53.39 39.52
CA HIS A 664 12.90 -54.66 39.51
C HIS A 664 13.43 -55.05 40.89
N HIS A 665 13.95 -54.08 41.61
CA HIS A 665 14.32 -54.38 43.01
C HIS A 665 13.17 -53.84 43.85
N LYS B 1 8.17 -23.96 29.22
CA LYS B 1 9.38 -24.82 29.17
C LYS B 1 9.93 -24.84 27.74
N PHE B 2 9.40 -25.68 26.87
CA PHE B 2 9.84 -25.70 25.44
C PHE B 2 9.14 -24.58 24.67
N ILE B 3 9.93 -23.71 24.06
CA ILE B 3 9.37 -22.55 23.36
C ILE B 3 9.95 -22.53 21.95
N VAL B 4 9.09 -22.29 20.97
CA VAL B 4 9.51 -22.05 19.59
C VAL B 4 9.48 -20.55 19.35
N SER B 5 10.58 -20.00 18.84
CA SER B 5 10.66 -18.60 18.48
C SER B 5 11.45 -18.48 17.19
N HIS B 6 11.06 -17.51 16.37
CA HIS B 6 11.67 -17.30 15.07
C HIS B 6 12.49 -16.02 14.98
N TYR B 7 12.32 -15.10 15.93
CA TYR B 7 13.12 -13.88 15.96
C TYR B 7 14.49 -14.17 16.57
#